data_6JU7
#
_entry.id   6JU7
#
_cell.length_a   54.504
_cell.length_b   104.896
_cell.length_c   154.738
_cell.angle_alpha   90.00
_cell.angle_beta   90.00
_cell.angle_gamma   90.00
#
_symmetry.space_group_name_H-M   'P 21 21 21'
#
loop_
_entity.id
_entity.type
_entity.pdbx_description
1 polymer Tyrosinase
2 non-polymer TYROSINE
3 non-polymer 'NITRATE ION'
4 water water
#
_entity_poly.entity_id   1
_entity_poly.type   'polypeptide(L)'
_entity_poly.pdbx_seq_one_letter_code
;GPGGSPYLITGIPKDPKHPLPIRKDIDDWYLEQTSAGSNRIQLTLFVEALTVIQNRPLNDQLSYFRLAGIHGAPWTEWDG
VPGGQKDSKGNPTGFAVHNNYTFPTWHRVYVTLYEQVIYEAMLDFIKQNVPQNGKADWENEAKQWRLPYWDFARFARHGH
DNTQGDELRLPILVTMPMVKVLVPGQPGKQLSKPNPLYRFQMQTLMGTLERPYAITSQKTEEHGWSFDLPFDKCQSTTKY
GLLENYNADVWADGGQNWLRANLALNEHPWYQNLDGWDSVPTLQDMTFRLLTTGGLNWGEFSSTRYDDKKEETQPKNNEQ
APKNWMNLEAIHNNVHNWVGGFMFSRPGRHDLKLWGAGHMSSVPVAAYDPIFWLHHCNIDRLTAIWQTVNSGSWFNDDKS
KVSKDDDLRPFHRFCEKTRKVVFFRSDDVKDWRSLNYDYAITKDASRIRKEISDLYGQRTK
;
_entity_poly.pdbx_strand_id   A,B
#
# COMPACT_ATOMS: atom_id res chain seq x y z
N SER A 5 -4.47 -27.21 -27.29
CA SER A 5 -4.57 -26.23 -28.35
C SER A 5 -5.14 -26.78 -29.63
N PRO A 6 -5.92 -25.97 -30.34
CA PRO A 6 -6.30 -24.62 -29.99
C PRO A 6 -7.40 -24.54 -28.93
N TYR A 7 -7.33 -23.43 -28.22
CA TYR A 7 -8.36 -23.06 -27.26
C TYR A 7 -9.45 -22.25 -27.95
N LEU A 8 -10.64 -22.83 -28.10
CA LEU A 8 -11.68 -22.21 -28.91
C LEU A 8 -12.49 -21.24 -28.06
N ILE A 9 -12.41 -19.96 -28.40
CA ILE A 9 -13.08 -18.93 -27.60
C ILE A 9 -14.50 -18.74 -28.10
N THR A 10 -15.45 -18.80 -27.18
CA THR A 10 -16.86 -18.71 -27.45
C THR A 10 -17.58 -17.68 -26.61
N GLY A 11 -16.97 -17.24 -25.52
CA GLY A 11 -17.80 -16.69 -24.45
C GLY A 11 -18.41 -17.80 -23.61
N ILE A 12 -19.02 -17.45 -22.50
CA ILE A 12 -19.63 -18.47 -21.64
C ILE A 12 -20.77 -19.11 -22.40
N PRO A 13 -20.86 -20.43 -22.39
CA PRO A 13 -21.87 -21.11 -23.22
C PRO A 13 -23.28 -20.68 -22.89
N LYS A 14 -24.12 -20.67 -23.93
CA LYS A 14 -25.52 -20.30 -23.80
C LYS A 14 -26.29 -21.37 -23.03
N ASP A 15 -26.98 -20.95 -21.99
CA ASP A 15 -27.92 -21.77 -21.22
C ASP A 15 -29.30 -21.13 -21.34
N PRO A 16 -30.30 -21.89 -21.77
CA PRO A 16 -31.61 -21.30 -22.03
C PRO A 16 -32.23 -20.69 -20.77
N LYS A 17 -31.81 -21.12 -19.59
CA LYS A 17 -32.35 -20.47 -18.38
C LYS A 17 -31.62 -19.17 -18.04
N HIS A 18 -30.60 -18.81 -18.80
CA HIS A 18 -29.78 -17.64 -18.48
C HIS A 18 -29.57 -16.76 -19.69
N PRO A 19 -30.62 -16.09 -20.16
CA PRO A 19 -30.49 -15.30 -21.39
C PRO A 19 -29.62 -14.07 -21.16
N LEU A 20 -28.61 -13.89 -22.01
CA LEU A 20 -27.70 -12.75 -22.01
C LEU A 20 -27.49 -12.09 -20.65
N PRO A 21 -26.81 -12.79 -19.76
CA PRO A 21 -26.43 -12.24 -18.45
C PRO A 21 -25.53 -11.01 -18.61
N ILE A 22 -25.60 -10.13 -17.62
CA ILE A 22 -24.94 -8.84 -17.69
C ILE A 22 -23.64 -8.80 -16.89
N ARG A 23 -22.69 -8.08 -17.49
CA ARG A 23 -21.48 -7.63 -16.81
C ARG A 23 -21.85 -6.42 -15.96
N LYS A 24 -21.72 -6.55 -14.65
CA LYS A 24 -22.15 -5.52 -13.71
C LYS A 24 -21.00 -4.60 -13.30
N ASP A 25 -21.38 -3.44 -12.78
CA ASP A 25 -20.38 -2.50 -12.22
C ASP A 25 -19.79 -3.16 -10.99
N ILE A 26 -18.44 -3.25 -10.93
CA ILE A 26 -17.86 -4.09 -9.89
C ILE A 26 -18.14 -3.55 -8.49
N ASP A 27 -18.28 -2.25 -8.31
CA ASP A 27 -18.66 -1.74 -6.97
C ASP A 27 -20.12 -2.07 -6.66
N ASP A 28 -21.05 -1.92 -7.61
CA ASP A 28 -22.44 -2.32 -7.36
C ASP A 28 -22.49 -3.81 -7.02
N TRP A 29 -21.75 -4.61 -7.79
CA TRP A 29 -21.70 -6.06 -7.59
C TRP A 29 -21.15 -6.43 -6.24
N TYR A 30 -20.07 -5.77 -5.82
CA TYR A 30 -19.47 -6.03 -4.52
C TYR A 30 -20.48 -5.77 -3.40
N LEU A 31 -21.21 -4.65 -3.49
CA LEU A 31 -22.24 -4.36 -2.50
C LEU A 31 -23.41 -5.31 -2.58
N GLU A 32 -23.82 -5.72 -3.78
CA GLU A 32 -24.87 -6.74 -3.92
C GLU A 32 -24.46 -8.03 -3.21
N GLN A 33 -23.17 -8.39 -3.32
CA GLN A 33 -22.66 -9.61 -2.73
C GLN A 33 -22.60 -9.54 -1.21
N THR A 34 -22.27 -8.37 -0.66
CA THR A 34 -21.86 -8.25 0.72
C THR A 34 -22.79 -7.41 1.57
N SER A 35 -23.65 -6.56 1.00
CA SER A 35 -24.15 -5.45 1.83
C SER A 35 -25.56 -5.64 2.33
N ALA A 36 -26.35 -6.48 1.67
CA ALA A 36 -27.72 -6.72 2.10
C ALA A 36 -27.90 -8.18 2.49
N GLY A 37 -27.06 -8.68 3.39
CA GLY A 37 -26.93 -10.11 3.63
C GLY A 37 -25.65 -10.65 3.00
N SER A 38 -25.29 -11.88 3.34
CA SER A 38 -24.10 -12.55 2.85
C SER A 38 -24.36 -13.33 1.57
N ASN A 39 -24.89 -12.63 0.57
CA ASN A 39 -25.19 -13.19 -0.74
C ASN A 39 -23.94 -13.33 -1.60
N ARG A 40 -22.96 -14.08 -1.12
CA ARG A 40 -21.57 -14.13 -1.53
C ARG A 40 -21.18 -15.28 -2.45
N ILE A 41 -22.13 -15.94 -3.12
CA ILE A 41 -21.70 -17.07 -3.96
C ILE A 41 -20.89 -16.59 -5.16
N GLN A 42 -21.30 -15.58 -5.92
CA GLN A 42 -20.49 -15.15 -7.07
C GLN A 42 -19.13 -14.63 -6.63
N LEU A 43 -19.08 -13.90 -5.51
CA LEU A 43 -17.81 -13.39 -5.03
C LEU A 43 -16.88 -14.54 -4.70
N THR A 44 -17.42 -15.56 -4.02
CA THR A 44 -16.60 -16.72 -3.70
C THR A 44 -16.12 -17.42 -4.95
N LEU A 45 -17.00 -17.63 -5.93
CA LEU A 45 -16.61 -18.26 -7.18
C LEU A 45 -15.50 -17.48 -7.90
N PHE A 46 -15.66 -16.16 -7.97
CA PHE A 46 -14.66 -15.37 -8.69
C PHE A 46 -13.33 -15.43 -7.96
N VAL A 47 -13.36 -15.24 -6.64
CA VAL A 47 -12.11 -15.29 -5.86
C VAL A 47 -11.45 -16.65 -5.95
N GLU A 48 -12.22 -17.72 -5.77
CA GLU A 48 -11.60 -19.05 -5.78
C GLU A 48 -11.11 -19.43 -7.18
N ALA A 49 -11.88 -19.10 -8.21
CA ALA A 49 -11.47 -19.45 -9.57
C ALA A 49 -10.23 -18.66 -9.97
N LEU A 50 -10.20 -17.36 -9.68
CA LEU A 50 -9.06 -16.56 -10.12
C LEU A 50 -7.81 -16.98 -9.33
N THR A 51 -7.98 -17.37 -8.08
CA THR A 51 -6.85 -17.89 -7.30
C THR A 51 -6.29 -19.16 -7.96
N VAL A 52 -7.16 -20.09 -8.35
CA VAL A 52 -6.70 -21.29 -9.05
C VAL A 52 -5.96 -20.92 -10.32
N ILE A 53 -6.53 -20.00 -11.10
CA ILE A 53 -5.90 -19.61 -12.36
C ILE A 53 -4.55 -18.98 -12.17
N GLN A 54 -4.40 -18.13 -11.14
CA GLN A 54 -3.12 -17.51 -10.84
C GLN A 54 -2.06 -18.48 -10.35
N ASN A 55 -2.46 -19.62 -9.80
CA ASN A 55 -1.52 -20.59 -9.27
C ASN A 55 -1.17 -21.69 -10.27
N ARG A 56 -1.77 -21.67 -11.45
CA ARG A 56 -1.40 -22.62 -12.51
C ARG A 56 0.04 -22.35 -12.93
N PRO A 57 0.77 -23.37 -13.37
CA PRO A 57 2.16 -23.19 -13.80
C PRO A 57 2.33 -22.56 -15.17
N LEU A 58 3.55 -22.13 -15.45
CA LEU A 58 3.90 -21.45 -16.69
C LEU A 58 3.62 -22.31 -17.91
N ASN A 59 3.73 -23.63 -17.76
CA ASN A 59 3.49 -24.51 -18.92
C ASN A 59 2.02 -24.68 -19.20
N ASP A 60 1.13 -24.11 -18.39
CA ASP A 60 -0.31 -24.12 -18.65
C ASP A 60 -0.69 -22.79 -19.31
N GLN A 61 -1.09 -22.81 -20.58
CA GLN A 61 -1.36 -21.57 -21.29
C GLN A 61 -2.62 -20.88 -20.75
N LEU A 62 -3.39 -21.56 -19.90
CA LEU A 62 -4.53 -20.94 -19.22
C LEU A 62 -4.18 -20.52 -17.80
N SER A 63 -2.88 -20.45 -17.47
CA SER A 63 -2.48 -19.79 -16.23
C SER A 63 -2.65 -18.28 -16.36
N TYR A 64 -2.81 -17.60 -15.22
CA TYR A 64 -2.88 -16.14 -15.26
C TYR A 64 -1.68 -15.52 -15.96
N PHE A 65 -0.49 -15.97 -15.59
CA PHE A 65 0.72 -15.39 -16.18
C PHE A 65 0.67 -15.50 -17.69
N ARG A 66 0.30 -16.69 -18.20
CA ARG A 66 0.34 -16.87 -19.65
C ARG A 66 -0.78 -16.11 -20.34
N LEU A 67 -1.93 -15.95 -19.68
CA LEU A 67 -3.02 -15.17 -20.27
C LEU A 67 -2.65 -13.69 -20.31
N ALA A 68 -2.11 -13.17 -19.21
CA ALA A 68 -1.58 -11.80 -19.20
C ALA A 68 -0.45 -11.64 -20.23
N GLY A 69 0.35 -12.70 -20.42
CA GLY A 69 1.44 -12.74 -21.37
C GLY A 69 1.02 -12.57 -22.81
N ILE A 70 -0.23 -12.86 -23.15
CA ILE A 70 -0.67 -12.62 -24.53
C ILE A 70 -0.52 -11.15 -24.92
N HIS A 71 -0.79 -10.26 -23.96
CA HIS A 71 -0.86 -8.83 -24.25
C HIS A 71 0.49 -8.25 -24.69
N GLY A 72 1.55 -8.61 -23.97
CA GLY A 72 2.85 -7.97 -24.06
C GLY A 72 3.98 -8.92 -23.68
N ALA A 73 4.81 -8.45 -22.75
CA ALA A 73 5.97 -9.22 -22.31
C ALA A 73 5.51 -10.46 -21.57
N PRO A 74 6.26 -11.56 -21.59
CA PRO A 74 7.57 -11.71 -22.18
C PRO A 74 7.65 -11.99 -23.68
N TRP A 75 6.58 -11.76 -24.41
CA TRP A 75 6.56 -11.84 -25.87
C TRP A 75 6.78 -13.25 -26.40
N THR A 76 6.09 -14.24 -25.83
CA THR A 76 6.20 -15.62 -26.24
C THR A 76 4.99 -16.09 -27.06
N GLU A 77 5.10 -17.32 -27.56
CA GLU A 77 3.98 -18.01 -28.18
C GLU A 77 2.80 -18.14 -27.23
N TRP A 78 1.59 -18.24 -27.78
CA TRP A 78 0.40 -18.63 -27.04
C TRP A 78 -0.52 -19.40 -28.00
N ASP A 79 -1.11 -20.48 -27.53
CA ASP A 79 -2.03 -21.31 -28.31
C ASP A 79 -1.46 -21.71 -29.66
N GLY A 80 -0.16 -22.00 -29.73
CA GLY A 80 0.38 -22.47 -30.99
C GLY A 80 0.63 -21.36 -32.00
N VAL A 81 0.45 -20.11 -31.57
CA VAL A 81 0.72 -18.92 -32.39
C VAL A 81 2.05 -18.29 -31.97
N PRO A 82 3.03 -18.22 -32.86
CA PRO A 82 4.37 -17.78 -32.42
C PRO A 82 4.45 -16.33 -31.98
N GLY A 83 5.39 -16.07 -31.07
CA GLY A 83 5.86 -14.75 -30.71
C GLY A 83 6.90 -14.22 -31.69
N GLY A 84 7.60 -13.13 -31.34
CA GLY A 84 8.59 -12.59 -32.26
C GLY A 84 8.09 -11.34 -32.96
N GLN A 85 6.99 -10.77 -32.47
CA GLN A 85 6.42 -9.59 -33.13
C GLN A 85 7.21 -8.34 -32.78
N LYS A 86 7.22 -7.38 -33.71
CA LYS A 86 7.92 -6.12 -33.52
C LYS A 86 6.95 -4.94 -33.59
N ASP A 87 7.16 -3.93 -32.75
CA ASP A 87 6.30 -2.75 -32.87
C ASP A 87 6.90 -1.67 -33.76
N SER A 88 6.33 -0.47 -33.73
CA SER A 88 6.74 0.60 -34.62
C SER A 88 8.11 1.17 -34.31
N LYS A 89 8.65 0.84 -33.15
CA LYS A 89 10.01 1.26 -32.79
C LYS A 89 11.01 0.15 -33.08
N GLY A 90 10.52 -0.96 -33.62
CA GLY A 90 11.35 -2.12 -33.89
C GLY A 90 11.67 -2.90 -32.63
N ASN A 91 10.95 -2.65 -31.54
CA ASN A 91 11.14 -3.44 -30.34
C ASN A 91 10.23 -4.66 -30.28
N PRO A 92 10.58 -5.62 -29.44
CA PRO A 92 9.67 -6.74 -29.19
C PRO A 92 8.32 -6.22 -28.72
N THR A 93 7.27 -6.87 -29.21
CA THR A 93 5.90 -6.48 -28.83
C THR A 93 5.02 -7.72 -28.75
N GLY A 94 3.87 -7.55 -28.12
CA GLY A 94 2.94 -8.64 -27.90
C GLY A 94 1.88 -8.72 -28.97
N PHE A 95 0.89 -9.58 -28.71
CA PHE A 95 -0.22 -9.69 -29.67
C PHE A 95 -1.20 -8.52 -29.60
N ALA A 96 -1.21 -7.79 -28.49
CA ALA A 96 -2.22 -6.74 -28.31
C ALA A 96 -2.13 -5.73 -29.46
N VAL A 97 -3.30 -5.28 -29.90
CA VAL A 97 -3.38 -4.16 -30.85
C VAL A 97 -3.45 -2.83 -30.10
N HIS A 98 -2.50 -1.94 -30.35
CA HIS A 98 -2.58 -0.55 -29.93
C HIS A 98 -2.30 0.35 -31.12
N ASN A 99 -2.88 1.54 -31.11
CA ASN A 99 -2.69 2.52 -32.18
C ASN A 99 -3.12 1.93 -33.51
N ASN A 100 -4.22 1.18 -33.53
CA ASN A 100 -4.89 0.81 -34.78
C ASN A 100 -6.39 0.68 -34.48
N TYR A 101 -7.18 0.66 -35.53
CA TYR A 101 -8.64 0.73 -35.41
C TYR A 101 -9.24 -0.56 -34.88
N THR A 102 -8.47 -1.65 -34.87
CA THR A 102 -8.86 -2.91 -34.24
C THR A 102 -8.53 -2.93 -32.76
N PHE A 103 -8.08 -1.81 -32.18
CA PHE A 103 -7.85 -1.78 -30.73
C PHE A 103 -9.09 -2.24 -29.97
N PRO A 104 -10.29 -1.70 -30.22
CA PRO A 104 -11.43 -2.14 -29.42
C PRO A 104 -11.79 -3.61 -29.63
N THR A 105 -11.69 -4.11 -30.85
CA THR A 105 -12.17 -5.44 -31.14
C THR A 105 -11.16 -6.49 -30.71
N TRP A 106 -9.86 -6.22 -30.84
CA TRP A 106 -8.87 -7.15 -30.26
C TRP A 106 -9.12 -7.31 -28.77
N HIS A 107 -9.28 -6.19 -28.06
CA HIS A 107 -9.48 -6.25 -26.62
C HIS A 107 -10.85 -6.82 -26.24
N ARG A 108 -11.88 -6.70 -27.07
CA ARG A 108 -13.18 -7.32 -26.80
C ARG A 108 -12.98 -8.83 -26.72
N VAL A 109 -12.22 -9.38 -27.68
CA VAL A 109 -11.98 -10.84 -27.64
C VAL A 109 -11.12 -11.19 -26.43
N TYR A 110 -10.09 -10.41 -26.13
CA TYR A 110 -9.19 -10.74 -25.01
C TYR A 110 -9.95 -10.78 -23.70
N VAL A 111 -10.82 -9.81 -23.45
CA VAL A 111 -11.57 -9.81 -22.18
C VAL A 111 -12.48 -11.03 -22.12
N THR A 112 -13.07 -11.41 -23.28
CA THR A 112 -13.96 -12.57 -23.31
C THR A 112 -13.20 -13.87 -23.02
N LEU A 113 -11.96 -13.95 -23.51
CA LEU A 113 -11.12 -15.10 -23.20
C LEU A 113 -10.96 -15.26 -21.69
N TYR A 114 -10.60 -14.15 -21.04
CA TYR A 114 -10.40 -14.14 -19.59
C TYR A 114 -11.66 -14.56 -18.86
N GLU A 115 -12.79 -13.96 -19.22
CA GLU A 115 -14.08 -14.33 -18.61
C GLU A 115 -14.38 -15.82 -18.79
N GLN A 116 -14.13 -16.34 -19.99
CA GLN A 116 -14.45 -17.73 -20.27
C GLN A 116 -13.57 -18.67 -19.45
N VAL A 117 -12.28 -18.36 -19.35
CA VAL A 117 -11.37 -19.18 -18.55
C VAL A 117 -11.80 -19.18 -17.09
N ILE A 118 -12.18 -18.00 -16.57
CA ILE A 118 -12.65 -17.92 -15.19
C ILE A 118 -13.91 -18.76 -14.99
N TYR A 119 -14.88 -18.68 -15.90
CA TYR A 119 -16.11 -19.45 -15.77
C TYR A 119 -15.81 -20.95 -15.74
N GLU A 120 -14.89 -21.36 -16.62
CA GLU A 120 -14.58 -22.79 -16.66
C GLU A 120 -13.97 -23.24 -15.35
N ALA A 121 -13.13 -22.40 -14.73
CA ALA A 121 -12.53 -22.69 -13.44
C ALA A 121 -13.58 -22.66 -12.34
N MET A 122 -14.61 -21.82 -12.46
CA MET A 122 -15.72 -21.84 -11.51
C MET A 122 -16.44 -23.18 -11.53
N LEU A 123 -16.65 -23.73 -12.74
CA LEU A 123 -17.34 -25.00 -12.84
C LEU A 123 -16.51 -26.09 -12.18
N ASP A 124 -15.19 -26.05 -12.37
CA ASP A 124 -14.34 -27.06 -11.72
C ASP A 124 -14.45 -26.92 -10.20
N PHE A 125 -14.44 -25.69 -9.71
CA PHE A 125 -14.48 -25.43 -8.27
C PHE A 125 -15.78 -26.00 -7.69
N ILE A 126 -16.89 -25.78 -8.40
CA ILE A 126 -18.18 -26.28 -7.89
C ILE A 126 -18.19 -27.80 -7.83
N LYS A 127 -17.69 -28.42 -8.89
CA LYS A 127 -17.66 -29.88 -8.95
C LYS A 127 -16.90 -30.45 -7.76
N GLN A 128 -15.81 -29.77 -7.39
CA GLN A 128 -14.87 -30.28 -6.40
C GLN A 128 -15.18 -29.83 -4.98
N ASN A 129 -15.97 -28.76 -4.81
CA ASN A 129 -16.14 -28.19 -3.48
C ASN A 129 -17.57 -28.01 -3.00
N VAL A 130 -18.56 -28.08 -3.89
CA VAL A 130 -19.95 -27.85 -3.46
C VAL A 130 -20.68 -29.17 -3.28
N PRO A 131 -21.36 -29.42 -2.16
CA PRO A 131 -22.03 -30.71 -1.99
C PRO A 131 -23.29 -30.78 -2.86
N GLN A 132 -23.73 -32.01 -3.10
CA GLN A 132 -24.81 -32.22 -4.07
C GLN A 132 -25.96 -31.25 -3.80
N ASN A 133 -26.29 -31.12 -2.51
CA ASN A 133 -27.46 -30.33 -2.14
C ASN A 133 -27.31 -28.87 -2.54
N GLY A 134 -26.09 -28.41 -2.80
CA GLY A 134 -25.81 -27.04 -3.20
C GLY A 134 -25.48 -26.85 -4.66
N LYS A 135 -25.31 -27.92 -5.43
CA LYS A 135 -24.87 -27.74 -6.81
C LYS A 135 -25.79 -26.87 -7.66
N ALA A 136 -27.10 -27.07 -7.62
CA ALA A 136 -27.98 -26.30 -8.50
C ALA A 136 -27.81 -24.80 -8.25
N ASP A 137 -27.88 -24.40 -6.98
CA ASP A 137 -27.75 -22.99 -6.64
C ASP A 137 -26.38 -22.45 -7.05
N TRP A 138 -25.28 -23.18 -6.84
CA TRP A 138 -23.96 -22.63 -7.17
C TRP A 138 -23.77 -22.59 -8.68
N GLU A 139 -24.26 -23.62 -9.36
CA GLU A 139 -24.16 -23.63 -10.82
C GLU A 139 -24.95 -22.49 -11.42
N ASN A 140 -26.14 -22.25 -10.84
CA ASN A 140 -26.96 -21.13 -11.29
C ASN A 140 -26.22 -19.80 -11.14
N GLU A 141 -25.51 -19.59 -10.03
CA GLU A 141 -24.76 -18.36 -9.86
C GLU A 141 -23.61 -18.26 -10.85
N ALA A 142 -22.89 -19.35 -11.11
CA ALA A 142 -21.82 -19.33 -12.10
C ALA A 142 -22.34 -18.96 -13.49
N LYS A 143 -23.50 -19.51 -13.85
CA LYS A 143 -24.02 -19.27 -15.19
C LYS A 143 -24.55 -17.85 -15.34
N GLN A 144 -24.85 -17.23 -14.20
CA GLN A 144 -25.26 -15.83 -14.20
C GLN A 144 -24.07 -14.87 -14.16
N TRP A 145 -22.95 -15.33 -13.60
CA TRP A 145 -21.81 -14.44 -13.44
C TRP A 145 -21.24 -14.00 -14.79
N ARG A 146 -20.88 -12.72 -14.86
CA ARG A 146 -20.05 -12.25 -15.97
C ARG A 146 -18.97 -11.34 -15.40
N LEU A 147 -17.93 -11.10 -16.17
CA LEU A 147 -16.83 -10.29 -15.64
C LEU A 147 -17.29 -8.88 -15.32
N PRO A 148 -17.19 -8.43 -14.07
CA PRO A 148 -17.59 -7.05 -13.76
C PRO A 148 -16.68 -6.03 -14.45
N TYR A 149 -17.24 -4.83 -14.63
CA TYR A 149 -16.46 -3.73 -15.21
C TYR A 149 -16.15 -2.70 -14.14
N TRP A 150 -15.00 -2.03 -14.29
CA TRP A 150 -14.70 -0.90 -13.42
C TRP A 150 -15.14 0.39 -14.09
N ASP A 151 -16.16 1.05 -13.56
CA ASP A 151 -16.63 2.29 -14.16
C ASP A 151 -15.75 3.44 -13.66
N PHE A 152 -14.67 3.66 -14.40
CA PHE A 152 -13.71 4.68 -14.01
C PHE A 152 -14.27 6.09 -14.12
N ALA A 153 -15.42 6.29 -14.77
CA ALA A 153 -15.97 7.62 -15.02
C ALA A 153 -17.19 7.90 -14.16
N ARG A 154 -17.58 6.97 -13.29
CA ARG A 154 -18.75 7.15 -12.43
C ARG A 154 -18.30 7.48 -11.01
N PHE A 155 -18.90 8.48 -10.36
CA PHE A 155 -18.47 8.77 -9.00
C PHE A 155 -18.79 7.59 -8.08
N ALA A 156 -17.82 7.23 -7.24
CA ALA A 156 -18.08 6.16 -6.27
C ALA A 156 -19.23 6.53 -5.33
N ARG A 157 -20.06 5.56 -4.98
CA ARG A 157 -21.16 5.81 -4.06
C ARG A 157 -20.65 5.96 -2.63
N HIS A 158 -21.43 6.64 -1.81
CA HIS A 158 -21.10 6.80 -0.41
C HIS A 158 -22.06 5.95 0.42
N GLY A 159 -21.58 4.79 0.83
CA GLY A 159 -22.46 3.80 1.45
C GLY A 159 -23.31 3.10 0.40
N THR A 163 -26.34 6.98 -1.74
CA THR A 163 -25.91 8.38 -1.81
C THR A 163 -24.88 8.59 -2.92
N GLN A 164 -25.06 9.66 -3.69
CA GLN A 164 -24.17 10.06 -4.78
C GLN A 164 -22.85 10.62 -4.26
N GLY A 165 -21.75 10.13 -4.80
CA GLY A 165 -20.42 10.54 -4.40
C GLY A 165 -19.90 11.71 -5.22
N ASP A 166 -18.62 12.04 -5.03
CA ASP A 166 -17.97 13.21 -5.56
C ASP A 166 -16.63 12.91 -6.24
N GLU A 167 -16.23 11.66 -6.15
CA GLU A 167 -14.87 11.22 -6.39
C GLU A 167 -14.90 9.97 -7.27
N LEU A 168 -14.07 9.94 -8.29
CA LEU A 168 -13.79 8.71 -9.02
C LEU A 168 -12.81 7.88 -8.21
N ARG A 169 -12.96 6.57 -8.23
CA ARG A 169 -12.13 5.72 -7.38
C ARG A 169 -11.83 4.39 -8.04
N LEU A 170 -10.70 3.80 -7.70
CA LEU A 170 -10.50 2.37 -7.98
C LEU A 170 -11.61 1.56 -7.33
N PRO A 171 -11.95 0.39 -7.86
CA PRO A 171 -12.95 -0.46 -7.22
C PRO A 171 -12.62 -0.77 -5.76
N ILE A 172 -13.69 -0.81 -4.96
CA ILE A 172 -13.57 -1.22 -3.56
C ILE A 172 -12.73 -2.49 -3.43
N LEU A 173 -13.10 -3.51 -4.20
CA LEU A 173 -12.49 -4.83 -4.02
C LEU A 173 -11.04 -4.82 -4.42
N VAL A 174 -10.69 -3.98 -5.42
CA VAL A 174 -9.29 -3.92 -5.85
C VAL A 174 -8.39 -3.37 -4.75
N THR A 175 -8.93 -2.59 -3.80
CA THR A 175 -8.11 -1.95 -2.77
C THR A 175 -8.06 -2.77 -1.49
N MET A 176 -8.66 -3.96 -1.45
CA MET A 176 -8.66 -4.83 -0.26
C MET A 176 -7.63 -5.93 -0.38
N PRO A 177 -6.63 -5.99 0.52
CA PRO A 177 -5.67 -7.10 0.46
C PRO A 177 -6.31 -8.47 0.72
N MET A 178 -7.33 -8.55 1.56
CA MET A 178 -8.01 -9.82 1.90
C MET A 178 -9.48 -9.71 1.58
N VAL A 179 -10.14 -10.85 1.38
CA VAL A 179 -11.56 -10.83 1.04
C VAL A 179 -12.22 -12.03 1.72
N LYS A 180 -13.47 -11.87 2.16
CA LYS A 180 -14.15 -12.98 2.84
C LYS A 180 -15.02 -13.75 1.86
N VAL A 181 -14.86 -15.08 1.87
CA VAL A 181 -15.63 -15.97 1.01
C VAL A 181 -16.36 -17.04 1.82
N LEU A 182 -17.35 -17.65 1.19
CA LEU A 182 -18.15 -18.71 1.74
C LEU A 182 -17.39 -20.04 1.75
N VAL A 183 -17.63 -20.84 2.80
CA VAL A 183 -17.23 -22.25 2.80
C VAL A 183 -18.39 -23.08 2.26
N PRO A 184 -18.29 -23.58 1.04
CA PRO A 184 -19.50 -24.10 0.39
C PRO A 184 -20.16 -25.22 1.17
N GLY A 185 -19.42 -26.22 1.65
CA GLY A 185 -20.14 -27.26 2.38
C GLY A 185 -20.66 -26.86 3.74
N GLN A 186 -20.55 -25.60 4.18
CA GLN A 186 -20.79 -25.26 5.58
C GLN A 186 -21.56 -23.95 5.66
N PRO A 187 -22.86 -23.97 5.35
CA PRO A 187 -23.56 -22.68 5.23
C PRO A 187 -23.55 -21.95 6.56
N GLY A 188 -23.13 -20.68 6.54
CA GLY A 188 -22.91 -19.93 7.76
C GLY A 188 -21.44 -19.66 7.99
N LYS A 189 -20.56 -20.52 7.49
CA LYS A 189 -19.14 -20.28 7.71
C LYS A 189 -18.50 -19.50 6.56
N GLN A 190 -17.55 -18.64 6.92
CA GLN A 190 -16.78 -17.87 5.96
C GLN A 190 -15.29 -17.85 6.31
N LEU A 191 -14.46 -17.54 5.33
CA LEU A 191 -13.01 -17.48 5.53
C LEU A 191 -12.40 -16.26 4.83
N SER A 192 -11.42 -15.65 5.45
CA SER A 192 -10.67 -14.53 4.88
C SER A 192 -9.50 -15.09 4.09
N LYS A 193 -9.40 -14.69 2.82
CA LYS A 193 -8.31 -15.17 1.99
C LYS A 193 -7.63 -14.01 1.26
N PRO A 194 -6.40 -14.23 0.80
CA PRO A 194 -5.77 -13.18 -0.02
C PRO A 194 -6.61 -12.91 -1.25
N ASN A 195 -6.74 -11.63 -1.55
CA ASN A 195 -7.63 -11.24 -2.65
C ASN A 195 -6.92 -11.25 -3.98
N PRO A 196 -7.30 -12.12 -4.92
CA PRO A 196 -6.54 -12.22 -6.18
C PRO A 196 -6.76 -11.03 -7.09
N LEU A 197 -7.66 -10.11 -6.74
CA LEU A 197 -7.84 -8.89 -7.54
C LEU A 197 -6.93 -7.76 -7.06
N TYR A 198 -6.29 -7.90 -5.91
CA TYR A 198 -5.50 -6.83 -5.31
C TYR A 198 -4.17 -6.62 -6.02
N ARG A 199 -3.59 -7.71 -6.48
CA ARG A 199 -2.28 -7.72 -7.12
C ARG A 199 -2.05 -9.10 -7.72
N PHE A 200 -1.00 -9.22 -8.53
CA PHE A 200 -0.55 -10.53 -8.97
C PHE A 200 0.94 -10.66 -8.71
N GLN A 201 1.36 -11.79 -8.14
CA GLN A 201 2.80 -11.97 -7.97
C GLN A 201 3.20 -13.40 -8.33
N MET A 202 4.46 -13.54 -8.72
CA MET A 202 5.05 -14.85 -8.94
C MET A 202 5.78 -15.27 -7.67
N GLN A 203 6.44 -16.41 -7.68
CA GLN A 203 7.15 -16.91 -6.51
C GLN A 203 8.61 -16.49 -6.46
N THR A 204 9.03 -15.76 -7.48
CA THR A 204 10.40 -15.24 -7.59
C THR A 204 10.29 -13.87 -8.25
N LEU A 205 11.37 -13.12 -8.32
CA LEU A 205 11.39 -11.92 -9.15
C LEU A 205 11.03 -12.28 -10.59
N MET A 206 10.25 -11.42 -11.25
CA MET A 206 9.78 -11.83 -12.58
C MET A 206 10.88 -11.85 -13.63
N GLY A 207 11.99 -11.16 -13.36
CA GLY A 207 13.14 -11.15 -14.25
C GLY A 207 13.96 -12.42 -14.21
N THR A 208 13.68 -13.35 -13.31
CA THR A 208 14.46 -14.58 -13.21
C THR A 208 13.63 -15.82 -13.52
N LEU A 209 12.44 -15.68 -14.07
CA LEU A 209 11.63 -16.83 -14.45
C LEU A 209 12.31 -17.67 -15.52
N GLU A 210 11.92 -18.95 -15.59
CA GLU A 210 12.55 -19.81 -16.59
C GLU A 210 12.31 -19.27 -17.99
N ARG A 211 13.29 -19.52 -18.86
CA ARG A 211 13.21 -19.19 -20.28
C ARG A 211 12.04 -19.91 -20.92
N PRO A 212 11.28 -19.28 -21.81
CA PRO A 212 11.49 -17.91 -22.29
C PRO A 212 10.64 -16.87 -21.59
N TYR A 213 10.26 -17.08 -20.34
CA TYR A 213 9.23 -16.26 -19.69
C TYR A 213 9.73 -15.11 -18.85
N ALA A 214 11.04 -14.89 -18.73
CA ALA A 214 11.51 -13.81 -17.85
C ALA A 214 11.04 -12.45 -18.37
N ILE A 215 10.55 -11.63 -17.45
CA ILE A 215 10.15 -10.25 -17.78
C ILE A 215 11.37 -9.35 -17.67
N THR A 216 11.66 -8.59 -18.72
CA THR A 216 12.81 -7.68 -18.68
C THR A 216 12.37 -6.32 -18.16
N SER A 217 13.35 -5.47 -17.84
CA SER A 217 13.05 -4.04 -17.71
C SER A 217 12.43 -3.53 -19.02
N GLN A 218 11.75 -2.39 -18.92
CA GLN A 218 11.01 -1.87 -20.05
C GLN A 218 11.35 -0.41 -20.27
N LYS A 219 11.93 -0.08 -21.43
CA LYS A 219 12.39 1.30 -21.64
C LYS A 219 11.21 2.21 -21.91
N THR A 220 11.18 3.36 -21.25
CA THR A 220 10.13 4.34 -21.42
C THR A 220 10.73 5.74 -21.51
N GLU A 221 10.03 6.70 -22.11
CA GLU A 221 10.53 8.06 -22.13
C GLU A 221 9.82 8.93 -21.11
N GLU A 222 10.58 9.69 -20.33
CA GLU A 222 9.99 10.67 -19.41
C GLU A 222 10.72 12.01 -19.63
N HIS A 223 9.96 13.06 -19.91
CA HIS A 223 10.55 14.37 -20.19
C HIS A 223 11.65 14.27 -21.23
N GLY A 224 11.48 13.43 -22.26
CA GLY A 224 12.41 13.38 -23.38
C GLY A 224 13.59 12.46 -23.19
N TRP A 225 13.73 11.84 -22.02
CA TRP A 225 14.88 11.02 -21.67
C TRP A 225 14.41 9.58 -21.43
N SER A 226 15.31 8.64 -21.68
CA SER A 226 15.06 7.22 -21.54
C SER A 226 15.28 6.70 -20.13
N PHE A 227 14.36 5.87 -19.66
CA PHE A 227 14.46 5.17 -18.38
C PHE A 227 14.06 3.71 -18.57
N ASP A 228 14.74 2.82 -17.86
CA ASP A 228 14.42 1.39 -17.87
C ASP A 228 13.60 1.08 -16.63
N LEU A 229 12.29 1.03 -16.80
CA LEU A 229 11.41 0.65 -15.69
C LEU A 229 11.72 -0.75 -15.20
N PRO A 230 12.07 -0.92 -13.93
CA PRO A 230 12.68 -2.17 -13.46
C PRO A 230 11.70 -3.29 -13.15
N PHE A 231 10.86 -3.63 -14.13
CA PHE A 231 9.86 -4.69 -13.94
C PHE A 231 10.51 -6.06 -13.75
N ASP A 232 11.76 -6.20 -14.17
CA ASP A 232 12.50 -7.43 -13.93
C ASP A 232 12.77 -7.63 -12.44
N LYS A 233 12.73 -6.56 -11.65
CA LYS A 233 13.06 -6.61 -10.23
C LYS A 233 11.82 -6.70 -9.34
N CYS A 234 10.66 -6.83 -9.98
CA CYS A 234 9.43 -6.96 -9.20
C CYS A 234 9.03 -8.44 -9.05
N GLN A 235 8.60 -8.83 -7.86
CA GLN A 235 7.91 -10.10 -7.69
C GLN A 235 6.40 -9.87 -7.85
N SER A 236 5.92 -8.75 -7.32
CA SER A 236 4.52 -8.36 -7.36
C SER A 236 4.27 -7.22 -8.34
N THR A 237 3.09 -7.22 -8.95
CA THR A 237 2.66 -5.98 -9.63
C THR A 237 2.53 -4.85 -8.60
N THR A 238 2.66 -3.61 -9.03
CA THR A 238 2.53 -2.45 -8.14
C THR A 238 1.79 -1.32 -8.86
N LYS A 239 1.11 -0.50 -8.10
CA LYS A 239 0.58 0.80 -8.51
C LYS A 239 1.44 1.87 -7.84
N TYR A 240 2.19 2.63 -8.62
CA TYR A 240 3.05 3.72 -8.20
C TYR A 240 4.26 3.33 -7.37
N GLY A 241 4.54 2.06 -7.08
CA GLY A 241 5.60 1.77 -6.11
C GLY A 241 7.00 1.76 -6.65
N LEU A 242 7.25 1.97 -7.94
CA LEU A 242 8.62 1.99 -8.43
C LEU A 242 9.12 3.41 -8.61
N LEU A 243 10.13 3.79 -7.87
CA LEU A 243 10.65 5.16 -7.90
C LEU A 243 12.16 5.06 -8.18
N GLU A 244 12.72 5.95 -9.02
CA GLU A 244 14.15 5.92 -9.28
C GLU A 244 14.94 6.14 -8.00
N ASN A 245 16.08 5.47 -7.84
CA ASN A 245 16.98 5.68 -6.70
C ASN A 245 16.35 5.29 -5.38
N TYR A 246 15.47 4.30 -5.43
CA TYR A 246 15.04 3.53 -4.29
C TYR A 246 15.70 2.15 -4.34
N ASN A 247 15.96 1.60 -3.17
CA ASN A 247 16.56 0.27 -3.07
C ASN A 247 15.69 -0.77 -3.74
N ALA A 248 16.34 -1.69 -4.48
CA ALA A 248 15.57 -2.64 -5.27
C ALA A 248 14.76 -3.60 -4.38
N ASP A 249 15.08 -3.71 -3.10
CA ASP A 249 14.24 -4.54 -2.24
C ASP A 249 12.85 -3.94 -2.09
N VAL A 250 12.72 -2.63 -2.26
CA VAL A 250 11.39 -2.00 -2.29
C VAL A 250 10.66 -2.39 -3.56
N TRP A 251 11.38 -2.38 -4.68
CA TRP A 251 10.81 -2.69 -5.99
C TRP A 251 10.22 -4.10 -6.06
N ALA A 252 10.70 -5.03 -5.24
CA ALA A 252 10.20 -6.41 -5.29
C ALA A 252 8.68 -6.39 -5.08
N ASP A 253 8.20 -5.52 -4.19
CA ASP A 253 6.75 -5.33 -4.02
C ASP A 253 6.55 -3.89 -3.56
N GLY A 254 6.24 -3.02 -4.52
CA GLY A 254 6.18 -1.61 -4.24
C GLY A 254 4.84 -1.15 -3.68
N GLY A 255 3.90 -2.10 -3.52
CA GLY A 255 2.62 -1.81 -2.93
C GLY A 255 1.54 -1.45 -3.92
N GLN A 256 0.31 -1.46 -3.40
CA GLN A 256 -0.87 -1.05 -4.14
C GLN A 256 -1.23 0.35 -3.64
N ASN A 257 -0.62 1.35 -4.25
CA ASN A 257 -0.74 2.71 -3.68
C ASN A 257 -1.98 3.38 -4.25
N TRP A 258 -3.13 2.86 -3.81
CA TRP A 258 -4.42 3.17 -4.42
C TRP A 258 -4.83 4.61 -4.13
N LEU A 259 -4.30 5.23 -3.07
CA LEU A 259 -4.66 6.63 -2.82
C LEU A 259 -4.09 7.52 -3.92
N ARG A 260 -2.91 7.15 -4.41
CA ARG A 260 -2.28 7.99 -5.42
C ARG A 260 -3.00 7.80 -6.75
N ALA A 261 -3.41 6.56 -7.02
CA ALA A 261 -4.22 6.32 -8.25
C ALA A 261 -5.52 7.13 -8.19
N ASN A 262 -6.21 7.12 -7.04
CA ASN A 262 -7.44 7.91 -6.92
C ASN A 262 -7.16 9.40 -7.11
N LEU A 263 -6.04 9.87 -6.55
CA LEU A 263 -5.69 11.29 -6.72
C LEU A 263 -5.55 11.61 -8.21
N ALA A 264 -4.84 10.75 -8.94
CA ALA A 264 -4.61 11.00 -10.36
C ALA A 264 -5.92 10.95 -11.13
N LEU A 265 -6.79 9.99 -10.81
CA LEU A 265 -8.08 9.96 -11.54
C LEU A 265 -8.83 11.28 -11.42
N ASN A 266 -8.78 11.90 -10.23
CA ASN A 266 -9.58 13.10 -9.99
C ASN A 266 -8.84 14.36 -10.40
N GLU A 267 -7.50 14.31 -10.49
CA GLU A 267 -6.76 15.47 -11.02
C GLU A 267 -6.68 15.41 -12.54
N HIS A 268 -6.93 14.25 -13.11
CA HIS A 268 -6.89 14.01 -14.56
C HIS A 268 -5.78 14.72 -15.33
N PRO A 269 -4.51 14.40 -15.06
CA PRO A 269 -3.41 15.04 -15.82
C PRO A 269 -3.24 14.42 -17.19
N TRP A 270 -4.07 14.89 -18.11
CA TRP A 270 -4.01 14.41 -19.48
C TRP A 270 -2.62 14.56 -20.06
N TYR A 271 -2.15 13.54 -20.81
CA TYR A 271 -0.82 13.75 -21.41
C TYR A 271 -0.92 14.58 -22.69
N GLN A 272 -2.11 14.62 -23.31
CA GLN A 272 -2.28 15.34 -24.57
C GLN A 272 -2.24 16.85 -24.38
N ASN A 273 -1.69 17.57 -25.36
CA ASN A 273 -1.76 19.03 -25.32
C ASN A 273 -3.19 19.46 -25.62
N LEU A 274 -3.81 20.18 -24.69
CA LEU A 274 -5.18 20.63 -24.81
C LEU A 274 -5.19 22.14 -25.02
N ASP A 275 -4.04 22.64 -25.46
CA ASP A 275 -3.95 24.04 -25.83
C ASP A 275 -5.08 24.34 -26.82
N GLY A 276 -5.84 25.41 -26.57
CA GLY A 276 -6.88 25.81 -27.49
C GLY A 276 -8.23 25.17 -27.23
N TRP A 277 -8.31 24.23 -26.29
CA TRP A 277 -9.57 23.59 -25.95
C TRP A 277 -10.53 24.55 -25.25
N ASP A 278 -11.83 24.29 -25.29
CA ASP A 278 -12.80 25.11 -24.58
C ASP A 278 -12.59 25.07 -23.07
N SER A 279 -12.30 23.88 -22.55
CA SER A 279 -11.99 23.66 -21.15
C SER A 279 -11.12 22.41 -21.05
N VAL A 280 -10.58 22.17 -19.85
CA VAL A 280 -9.88 20.91 -19.61
C VAL A 280 -10.80 19.97 -18.86
N PRO A 281 -11.39 19.02 -19.56
CA PRO A 281 -12.46 18.23 -18.94
C PRO A 281 -11.92 17.31 -17.86
N THR A 282 -12.81 17.00 -16.91
CA THR A 282 -12.57 15.89 -16.00
C THR A 282 -12.69 14.55 -16.71
N LEU A 283 -12.31 13.46 -16.05
CA LEU A 283 -12.41 12.14 -16.68
C LEU A 283 -13.86 11.80 -16.95
N GLN A 284 -14.74 12.20 -16.02
CA GLN A 284 -16.18 11.91 -16.25
C GLN A 284 -16.67 12.65 -17.47
N ASP A 285 -16.32 13.94 -17.56
CA ASP A 285 -16.85 14.74 -18.67
C ASP A 285 -16.20 14.30 -19.99
N MET A 286 -14.93 13.93 -19.99
CA MET A 286 -14.32 13.45 -21.24
C MET A 286 -15.02 12.18 -21.72
N THR A 287 -15.38 11.33 -20.77
CA THR A 287 -16.12 10.10 -21.09
C THR A 287 -17.51 10.44 -21.62
N PHE A 288 -18.19 11.42 -21.01
CA PHE A 288 -19.47 11.92 -21.51
C PHE A 288 -19.37 12.40 -22.95
N ARG A 289 -18.32 13.18 -23.22
CA ARG A 289 -18.13 13.72 -24.57
C ARG A 289 -17.88 12.60 -25.58
N LEU A 290 -17.15 11.57 -25.18
CA LEU A 290 -16.90 10.44 -26.07
C LEU A 290 -18.20 9.80 -26.51
N LEU A 291 -19.13 9.69 -25.56
CA LEU A 291 -20.37 8.96 -25.81
C LEU A 291 -21.44 9.80 -26.51
N THR A 292 -21.29 11.12 -26.52
CA THR A 292 -22.36 11.98 -26.99
C THR A 292 -21.96 12.90 -28.12
N THR A 293 -20.69 13.01 -28.45
CA THR A 293 -20.33 13.88 -29.59
C THR A 293 -20.84 13.28 -30.89
N GLY A 294 -21.62 14.05 -31.64
CA GLY A 294 -22.20 13.54 -32.87
C GLY A 294 -21.27 13.59 -34.07
N GLY A 295 -21.61 12.80 -35.08
CA GLY A 295 -20.99 12.86 -36.38
C GLY A 295 -19.59 12.28 -36.46
N LEU A 296 -19.22 11.42 -35.52
CA LEU A 296 -17.91 10.77 -35.54
C LEU A 296 -18.00 9.42 -36.26
N ASN A 297 -16.91 8.97 -36.88
CA ASN A 297 -16.88 7.67 -37.55
C ASN A 297 -16.10 6.66 -36.71
N TRP A 298 -16.11 5.39 -37.09
CA TRP A 298 -15.41 4.37 -36.31
C TRP A 298 -13.93 4.65 -36.15
N GLY A 299 -13.28 5.06 -37.24
CA GLY A 299 -11.85 5.34 -37.16
C GLY A 299 -11.52 6.39 -36.10
N GLU A 300 -12.30 7.47 -36.05
CA GLU A 300 -12.06 8.58 -35.13
C GLU A 300 -12.36 8.15 -33.69
N PHE A 301 -13.39 7.34 -33.51
CA PHE A 301 -13.76 6.87 -32.17
C PHE A 301 -12.73 5.91 -31.59
N SER A 302 -12.22 5.02 -32.45
CA SER A 302 -11.58 3.81 -31.96
C SER A 302 -10.11 3.93 -31.61
N SER A 303 -9.39 4.88 -32.21
CA SER A 303 -7.93 4.76 -32.13
C SER A 303 -7.21 6.09 -32.23
N THR A 304 -6.08 6.21 -31.54
CA THR A 304 -5.14 7.28 -31.79
C THR A 304 -4.55 7.30 -33.19
N ARG A 305 -4.73 6.24 -33.99
CA ARG A 305 -4.15 6.26 -35.32
C ARG A 305 -4.84 7.28 -36.23
N TYR A 306 -6.12 7.57 -35.98
CA TYR A 306 -6.82 8.43 -36.94
C TYR A 306 -6.16 9.79 -37.10
N ASP A 307 -5.80 10.42 -36.00
CA ASP A 307 -5.23 11.77 -36.02
C ASP A 307 -3.71 11.67 -36.07
N ASP A 308 -3.22 10.54 -35.56
CA ASP A 308 -1.78 10.29 -35.67
C ASP A 308 -0.98 11.52 -35.29
N LYS A 309 -1.35 12.06 -34.12
CA LYS A 309 -0.56 13.08 -33.46
C LYS A 309 0.71 12.46 -32.85
N LYS A 323 -10.68 17.93 -31.33
CA LYS A 323 -11.10 19.23 -30.85
C LYS A 323 -12.23 19.12 -29.84
N ASN A 324 -11.85 19.32 -28.58
CA ASN A 324 -12.82 19.31 -27.49
C ASN A 324 -13.44 17.95 -27.25
N TRP A 325 -12.92 16.90 -27.85
CA TRP A 325 -13.23 15.54 -27.40
C TRP A 325 -11.99 14.69 -27.66
N MET A 326 -11.96 13.54 -27.02
CA MET A 326 -10.87 12.58 -27.05
C MET A 326 -11.39 11.19 -27.37
N ASN A 327 -10.72 10.45 -28.24
CA ASN A 327 -11.16 9.12 -28.66
C ASN A 327 -10.98 8.08 -27.57
N LEU A 328 -11.57 6.91 -27.75
CA LEU A 328 -11.59 5.84 -26.77
C LEU A 328 -10.20 5.41 -26.32
N GLU A 329 -9.31 5.22 -27.31
CA GLU A 329 -7.98 4.69 -26.97
C GLU A 329 -7.19 5.73 -26.20
N ALA A 330 -7.33 7.01 -26.56
CA ALA A 330 -6.62 8.08 -25.85
C ALA A 330 -7.09 8.21 -24.42
N ILE A 331 -8.39 8.09 -24.20
CA ILE A 331 -8.85 8.10 -22.80
C ILE A 331 -8.28 6.91 -22.04
N HIS A 332 -8.37 5.73 -22.66
CA HIS A 332 -7.86 4.50 -22.05
C HIS A 332 -6.38 4.63 -21.72
N ASN A 333 -5.59 5.27 -22.58
CA ASN A 333 -4.16 5.45 -22.33
C ASN A 333 -3.92 6.26 -21.06
N ASN A 334 -4.65 7.36 -20.90
CA ASN A 334 -4.55 8.15 -19.67
C ASN A 334 -4.98 7.38 -18.44
N VAL A 335 -6.09 6.64 -18.54
CA VAL A 335 -6.50 5.90 -17.33
C VAL A 335 -5.44 4.89 -16.95
N HIS A 336 -4.83 4.17 -17.90
CA HIS A 336 -3.74 3.24 -17.58
C HIS A 336 -2.64 3.95 -16.82
N ASN A 337 -2.21 5.11 -17.33
CA ASN A 337 -1.17 5.88 -16.65
C ASN A 337 -1.54 6.28 -15.22
N TRP A 338 -2.77 6.72 -15.05
CA TRP A 338 -3.24 7.24 -13.76
C TRP A 338 -3.41 6.13 -12.74
N VAL A 339 -3.76 4.91 -13.19
CA VAL A 339 -3.89 3.78 -12.28
C VAL A 339 -2.52 3.23 -11.90
N GLY A 340 -1.64 3.04 -12.89
CA GLY A 340 -0.39 2.33 -12.60
C GLY A 340 0.70 3.24 -12.06
N GLY A 341 0.67 4.54 -12.37
CA GLY A 341 1.75 5.47 -12.02
C GLY A 341 2.67 5.59 -13.22
N PHE A 342 2.91 6.82 -13.65
CA PHE A 342 3.59 7.09 -14.92
C PHE A 342 4.88 7.89 -14.79
N MET A 343 5.34 8.13 -13.59
CA MET A 343 6.59 8.86 -13.35
C MET A 343 7.56 8.05 -12.49
N PHE A 344 8.52 7.40 -13.11
CA PHE A 344 9.57 6.67 -12.40
C PHE A 344 10.61 7.65 -11.88
N SER A 345 11.07 8.53 -12.77
CA SER A 345 12.05 9.53 -12.36
C SER A 345 11.38 10.63 -11.55
N ARG A 346 12.14 11.20 -10.60
CA ARG A 346 11.53 12.15 -9.68
C ARG A 346 11.21 13.44 -10.42
N PRO A 347 9.97 13.93 -10.34
CA PRO A 347 9.64 15.18 -11.03
C PRO A 347 10.04 16.40 -10.21
N GLY A 348 9.71 17.58 -10.75
CA GLY A 348 9.91 18.81 -9.98
C GLY A 348 9.04 18.82 -8.74
N ARG A 349 9.29 19.70 -7.78
CA ARG A 349 8.58 19.66 -6.50
C ARG A 349 7.08 19.82 -6.67
N HIS A 350 6.66 20.65 -7.63
CA HIS A 350 5.23 20.91 -7.76
C HIS A 350 4.45 19.68 -8.18
N ASP A 351 5.10 18.63 -8.68
CA ASP A 351 4.42 17.44 -9.14
C ASP A 351 4.76 16.19 -8.33
N LEU A 352 5.43 16.39 -7.19
CA LEU A 352 5.84 15.25 -6.37
C LEU A 352 4.69 14.39 -5.88
N LYS A 353 3.54 15.02 -5.71
CA LYS A 353 2.36 14.32 -5.17
C LYS A 353 1.92 13.14 -6.04
N LEU A 354 2.38 13.05 -7.29
CA LEU A 354 1.97 11.93 -8.15
C LEU A 354 3.18 11.11 -8.59
N TRP A 355 4.32 11.27 -7.93
CA TRP A 355 5.49 10.44 -8.29
C TRP A 355 5.25 8.96 -8.06
N GLY A 356 5.71 8.16 -9.01
CA GLY A 356 5.87 6.73 -8.88
C GLY A 356 5.33 5.98 -10.08
N ALA A 357 5.98 4.87 -10.41
CA ALA A 357 5.61 4.10 -11.59
C ALA A 357 5.12 2.70 -11.23
N GLY A 358 4.34 2.11 -12.14
CA GLY A 358 3.82 0.77 -11.87
C GLY A 358 3.25 0.12 -13.11
N HIS A 359 2.84 -1.15 -13.00
CA HIS A 359 2.61 -1.98 -14.16
C HIS A 359 1.57 -1.44 -15.14
N MET A 360 0.47 -0.88 -14.61
CA MET A 360 -0.61 -0.48 -15.51
C MET A 360 -0.21 0.64 -16.46
N SER A 361 0.88 1.38 -16.21
CA SER A 361 1.25 2.45 -17.16
C SER A 361 2.10 1.96 -18.31
N SER A 362 2.42 0.66 -18.32
CA SER A 362 3.39 0.14 -19.28
C SER A 362 2.78 -0.98 -20.12
N VAL A 363 2.59 -0.74 -21.42
CA VAL A 363 1.99 -1.75 -22.30
C VAL A 363 2.58 -3.13 -22.10
N PRO A 364 3.90 -3.32 -22.05
CA PRO A 364 4.43 -4.69 -21.92
C PRO A 364 4.00 -5.43 -20.68
N VAL A 365 3.62 -4.76 -19.59
CA VAL A 365 3.33 -5.51 -18.37
C VAL A 365 2.01 -5.16 -17.72
N ALA A 366 1.22 -4.28 -18.33
CA ALA A 366 -0.01 -3.84 -17.69
C ALA A 366 -0.96 -4.98 -17.40
N ALA A 367 -1.01 -6.02 -18.24
CA ALA A 367 -2.01 -7.07 -18.11
C ALA A 367 -1.77 -7.91 -16.88
N TYR A 368 -0.58 -7.87 -16.29
CA TYR A 368 -0.32 -8.59 -15.04
C TYR A 368 -1.14 -8.03 -13.89
N ASP A 369 -1.46 -6.74 -13.90
CA ASP A 369 -2.23 -6.21 -12.77
C ASP A 369 -3.69 -6.61 -12.92
N PRO A 370 -4.31 -7.29 -11.97
CA PRO A 370 -5.70 -7.74 -12.19
C PRO A 370 -6.69 -6.63 -12.51
N ILE A 371 -6.44 -5.36 -12.17
CA ILE A 371 -7.37 -4.31 -12.56
C ILE A 371 -7.41 -4.13 -14.08
N PHE A 372 -6.37 -4.53 -14.79
CA PHE A 372 -6.31 -4.38 -16.25
C PHE A 372 -7.60 -4.84 -16.88
N TRP A 373 -8.06 -6.02 -16.45
CA TRP A 373 -9.18 -6.69 -17.09
C TRP A 373 -10.49 -5.96 -16.79
N LEU A 374 -10.55 -5.36 -15.59
CA LEU A 374 -11.77 -4.64 -15.18
C LEU A 374 -11.85 -3.31 -15.93
N HIS A 375 -10.69 -2.67 -16.10
CA HIS A 375 -10.60 -1.47 -16.95
C HIS A 375 -11.00 -1.79 -18.37
N HIS A 376 -10.41 -2.85 -18.92
CA HIS A 376 -10.75 -3.20 -20.30
C HIS A 376 -12.18 -3.68 -20.45
N CYS A 377 -12.77 -4.25 -19.40
CA CYS A 377 -14.20 -4.56 -19.45
C CYS A 377 -15.00 -3.27 -19.63
N ASN A 378 -14.63 -2.19 -18.94
CA ASN A 378 -15.34 -0.93 -19.16
C ASN A 378 -15.04 -0.35 -20.55
N ILE A 379 -13.81 -0.51 -21.05
CA ILE A 379 -13.53 -0.03 -22.41
C ILE A 379 -14.44 -0.75 -23.40
N ASP A 380 -14.66 -2.06 -23.16
CA ASP A 380 -15.59 -2.81 -24.01
C ASP A 380 -17.02 -2.27 -23.90
N ARG A 381 -17.44 -1.93 -22.67
CA ARG A 381 -18.76 -1.37 -22.40
C ARG A 381 -18.92 -0.02 -23.11
N LEU A 382 -17.91 0.83 -23.01
CA LEU A 382 -17.95 2.12 -23.71
C LEU A 382 -18.08 1.92 -25.22
N THR A 383 -17.35 0.95 -25.77
CA THR A 383 -17.50 0.60 -27.18
C THR A 383 -18.92 0.15 -27.50
N ALA A 384 -19.52 -0.71 -26.68
CA ALA A 384 -20.89 -1.18 -26.89
C ALA A 384 -21.89 -0.03 -26.81
N ILE A 385 -21.70 0.91 -25.86
CA ILE A 385 -22.56 2.07 -25.75
C ILE A 385 -22.45 2.88 -27.03
N TRP A 386 -21.21 3.15 -27.45
CA TRP A 386 -21.04 4.00 -28.62
C TRP A 386 -21.64 3.36 -29.84
N GLN A 387 -21.42 2.04 -29.99
CA GLN A 387 -22.02 1.33 -31.13
C GLN A 387 -23.53 1.48 -31.12
N THR A 388 -24.13 1.40 -29.95
CA THR A 388 -25.59 1.45 -29.83
C THR A 388 -26.12 2.78 -30.36
N VAL A 389 -25.41 3.87 -30.08
CA VAL A 389 -25.92 5.18 -30.50
C VAL A 389 -25.25 5.71 -31.77
N ASN A 390 -24.43 4.90 -32.42
CA ASN A 390 -23.83 5.18 -33.72
C ASN A 390 -23.95 3.96 -34.63
N SER A 391 -25.19 3.49 -34.84
CA SER A 391 -25.41 2.32 -35.67
C SER A 391 -24.85 2.51 -37.08
N GLY A 392 -24.18 1.52 -37.64
CA GLY A 392 -23.61 1.63 -38.97
C GLY A 392 -22.19 2.17 -39.03
N SER A 393 -21.68 2.76 -37.94
CA SER A 393 -20.31 3.24 -37.89
C SER A 393 -19.38 2.10 -37.47
N TRP A 394 -18.75 1.45 -38.43
CA TRP A 394 -18.04 0.21 -38.14
C TRP A 394 -17.04 -0.09 -39.26
N PHE A 395 -15.77 0.25 -39.09
CA PHE A 395 -14.69 -0.05 -40.03
C PHE A 395 -15.06 0.35 -41.46
N ASN A 396 -15.80 1.45 -41.62
CA ASN A 396 -16.31 1.76 -42.97
C ASN A 396 -15.98 3.18 -43.40
N ASP A 397 -15.19 3.88 -42.59
CA ASP A 397 -14.62 5.14 -43.10
C ASP A 397 -13.37 4.85 -43.93
N ASP A 398 -12.85 5.84 -44.63
CA ASP A 398 -11.75 5.66 -45.56
C ASP A 398 -10.48 5.16 -44.89
N LYS A 399 -10.30 5.46 -43.61
CA LYS A 399 -9.09 5.11 -42.91
C LYS A 399 -9.17 3.72 -42.30
N SER A 400 -10.28 3.44 -41.61
CA SER A 400 -10.33 2.19 -40.85
C SER A 400 -10.76 0.99 -41.67
N LYS A 401 -11.25 1.17 -42.89
CA LYS A 401 -11.71 0.05 -43.71
C LYS A 401 -10.58 -0.94 -43.98
N VAL A 402 -9.33 -0.51 -44.08
CA VAL A 402 -8.29 -1.51 -44.43
C VAL A 402 -8.08 -2.56 -43.35
N SER A 403 -8.28 -2.20 -42.10
CA SER A 403 -8.02 -3.09 -40.96
C SER A 403 -9.19 -4.00 -40.66
N LYS A 404 -10.36 -3.82 -41.29
CA LYS A 404 -11.56 -4.55 -40.90
C LYS A 404 -11.32 -6.06 -40.87
N ASP A 405 -10.61 -6.60 -41.87
CA ASP A 405 -10.50 -8.05 -41.92
C ASP A 405 -9.19 -8.57 -41.35
N ASP A 406 -8.52 -7.82 -40.48
CA ASP A 406 -7.31 -8.30 -39.83
C ASP A 406 -7.62 -9.51 -38.93
N ASP A 407 -6.79 -10.56 -39.04
CA ASP A 407 -6.88 -11.61 -38.02
C ASP A 407 -6.53 -11.05 -36.65
N LEU A 408 -7.39 -11.34 -35.67
CA LEU A 408 -7.12 -10.92 -34.30
C LEU A 408 -6.32 -12.01 -33.59
N ARG A 409 -5.07 -12.21 -34.03
CA ARG A 409 -4.21 -13.21 -33.42
C ARG A 409 -3.98 -12.87 -31.95
N PRO A 410 -3.88 -13.85 -31.07
CA PRO A 410 -3.80 -15.30 -31.35
C PRO A 410 -5.11 -16.05 -31.12
N PHE A 411 -6.21 -15.35 -31.21
CA PHE A 411 -7.50 -15.86 -30.74
C PHE A 411 -8.19 -16.76 -31.77
N HIS A 412 -8.36 -18.02 -31.40
CA HIS A 412 -9.03 -18.98 -32.31
C HIS A 412 -10.50 -19.18 -31.98
N ARG A 413 -11.26 -19.48 -33.03
CA ARG A 413 -12.66 -19.82 -32.91
C ARG A 413 -13.04 -20.91 -33.93
N PHE A 414 -14.15 -21.55 -33.62
CA PHE A 414 -14.75 -22.52 -34.53
C PHE A 414 -15.75 -21.79 -35.41
N CYS A 415 -15.52 -21.82 -36.73
CA CYS A 415 -16.47 -21.21 -37.66
C CYS A 415 -17.53 -22.24 -38.03
N GLU A 416 -18.79 -22.00 -37.66
CA GLU A 416 -19.75 -23.09 -37.77
C GLU A 416 -20.12 -23.42 -39.21
N LYS A 417 -19.95 -22.45 -40.10
CA LYS A 417 -20.35 -22.63 -41.49
C LYS A 417 -19.44 -23.61 -42.21
N THR A 418 -18.13 -23.38 -42.13
CA THR A 418 -17.19 -24.27 -42.82
C THR A 418 -16.74 -25.39 -41.88
N ARG A 419 -17.11 -25.25 -40.62
CA ARG A 419 -16.66 -26.11 -39.54
C ARG A 419 -15.13 -26.15 -39.54
N LYS A 420 -14.53 -24.97 -39.59
CA LYS A 420 -13.09 -24.76 -39.53
C LYS A 420 -12.64 -24.04 -38.28
N VAL A 421 -11.38 -24.24 -37.89
CA VAL A 421 -10.73 -23.37 -36.91
C VAL A 421 -10.09 -22.17 -37.62
N VAL A 422 -10.44 -20.98 -37.15
CA VAL A 422 -9.98 -19.74 -37.78
C VAL A 422 -9.62 -18.71 -36.71
N PHE A 423 -8.88 -17.68 -37.08
CA PHE A 423 -8.71 -16.58 -36.14
C PHE A 423 -9.98 -15.75 -36.07
N PHE A 424 -10.27 -15.16 -34.91
CA PHE A 424 -11.30 -14.13 -34.82
C PHE A 424 -11.01 -13.00 -35.79
N ARG A 425 -12.07 -12.35 -36.27
CA ARG A 425 -11.99 -11.09 -37.00
C ARG A 425 -12.98 -10.11 -36.39
N SER A 426 -12.75 -8.84 -36.66
CA SER A 426 -13.57 -7.82 -36.02
C SER A 426 -15.05 -8.03 -36.23
N ASP A 427 -15.50 -8.40 -37.43
CA ASP A 427 -16.93 -8.52 -37.65
C ASP A 427 -17.53 -9.64 -36.81
N ASP A 428 -16.74 -10.63 -36.38
CA ASP A 428 -17.27 -11.69 -35.54
C ASP A 428 -17.77 -11.17 -34.21
N VAL A 429 -17.26 -10.02 -33.75
CA VAL A 429 -17.62 -9.51 -32.42
C VAL A 429 -18.30 -8.17 -32.49
N LYS A 430 -18.80 -7.80 -33.68
CA LYS A 430 -19.52 -6.52 -33.78
C LYS A 430 -20.73 -6.55 -32.84
N ASP A 431 -21.44 -7.68 -32.80
CA ASP A 431 -22.50 -7.88 -31.82
C ASP A 431 -21.93 -8.62 -30.61
N TRP A 432 -21.65 -7.88 -29.54
CA TRP A 432 -21.02 -8.47 -28.36
C TRP A 432 -21.93 -9.54 -27.76
N ARG A 433 -23.24 -9.45 -28.02
CA ARG A 433 -24.14 -10.47 -27.46
C ARG A 433 -23.89 -11.83 -28.08
N SER A 434 -23.21 -11.88 -29.23
CA SER A 434 -22.85 -13.18 -29.79
C SER A 434 -21.87 -13.95 -28.90
N LEU A 435 -21.18 -13.27 -27.98
CA LEU A 435 -20.29 -13.87 -27.00
C LEU A 435 -21.03 -14.13 -25.68
N ASN A 436 -22.35 -13.98 -25.69
CA ASN A 436 -23.24 -14.33 -24.59
C ASN A 436 -22.97 -13.53 -23.31
N TYR A 437 -22.78 -12.23 -23.47
CA TYR A 437 -22.84 -11.29 -22.35
C TYR A 437 -23.50 -10.00 -22.88
N ASP A 438 -23.95 -9.19 -21.93
CA ASP A 438 -24.47 -7.87 -22.28
C ASP A 438 -24.15 -6.89 -21.15
N TYR A 439 -24.56 -5.65 -21.29
CA TYR A 439 -24.46 -4.60 -20.29
C TYR A 439 -25.87 -4.06 -20.01
N ALA A 440 -26.16 -3.76 -18.74
CA ALA A 440 -27.49 -3.21 -18.44
C ALA A 440 -27.79 -2.01 -19.34
N ILE A 441 -26.81 -1.12 -19.50
CA ILE A 441 -27.05 0.14 -20.21
C ILE A 441 -27.42 -0.08 -21.67
N THR A 442 -27.04 -1.22 -22.25
CA THR A 442 -27.36 -1.50 -23.65
C THR A 442 -28.57 -2.41 -23.81
N LYS A 443 -29.30 -2.70 -22.74
CA LYS A 443 -30.49 -3.54 -22.89
C LYS A 443 -31.61 -2.81 -23.62
N ASP A 444 -31.87 -1.55 -23.32
CA ASP A 444 -33.05 -0.79 -23.82
C ASP A 444 -32.58 0.46 -24.52
N ALA A 445 -32.65 0.44 -25.86
CA ALA A 445 -32.19 1.55 -26.66
C ALA A 445 -32.99 2.82 -26.39
N SER A 446 -34.19 2.73 -25.81
CA SER A 446 -34.98 3.92 -25.50
C SER A 446 -34.45 4.65 -24.28
N ARG A 447 -33.63 3.98 -23.50
CA ARG A 447 -33.19 4.49 -22.22
C ARG A 447 -31.75 4.97 -22.21
N ILE A 448 -30.96 4.53 -23.20
CA ILE A 448 -29.53 4.67 -23.12
C ILE A 448 -29.07 6.12 -23.07
N ARG A 449 -29.70 7.01 -23.84
CA ARG A 449 -29.22 8.40 -23.86
C ARG A 449 -29.47 9.07 -22.51
N LYS A 450 -30.60 8.78 -21.87
CA LYS A 450 -30.87 9.27 -20.53
C LYS A 450 -29.89 8.71 -19.50
N GLU A 451 -29.60 7.42 -19.62
CA GLU A 451 -28.67 6.83 -18.65
C GLU A 451 -27.26 7.39 -18.80
N ILE A 452 -26.78 7.58 -20.03
CA ILE A 452 -25.47 8.23 -20.22
C ILE A 452 -25.45 9.57 -19.49
N SER A 453 -26.53 10.34 -19.63
CA SER A 453 -26.58 11.65 -19.00
C SER A 453 -26.65 11.52 -17.49
N ASP A 454 -27.43 10.56 -16.97
CA ASP A 454 -27.54 10.36 -15.53
C ASP A 454 -26.21 9.97 -14.89
N LEU A 455 -25.43 9.13 -15.54
CA LEU A 455 -24.15 8.67 -15.04
C LEU A 455 -23.01 9.67 -15.20
N TYR A 456 -22.94 10.32 -16.36
CA TYR A 456 -21.70 10.98 -16.76
C TYR A 456 -21.93 12.44 -17.12
N GLY A 457 -23.19 12.91 -17.17
CA GLY A 457 -23.42 14.29 -17.57
C GLY A 457 -23.25 15.24 -16.39
N GLY B 4 7.51 -13.55 34.82
CA GLY B 4 6.36 -12.98 35.51
C GLY B 4 6.62 -11.55 35.95
N SER B 5 5.79 -11.10 36.89
CA SER B 5 5.88 -9.81 37.52
C SER B 5 6.48 -9.87 38.91
N PRO B 6 7.12 -8.74 39.27
CA PRO B 6 7.31 -7.62 38.34
C PRO B 6 8.41 -7.93 37.32
N TYR B 7 8.26 -7.35 36.14
CA TYR B 7 9.21 -7.53 35.05
C TYR B 7 10.21 -6.39 35.13
N LEU B 8 11.44 -6.67 35.57
CA LEU B 8 12.38 -5.56 35.76
C LEU B 8 12.99 -5.12 34.43
N ILE B 9 12.97 -3.82 34.22
CA ILE B 9 13.54 -3.24 33.00
C ILE B 9 14.93 -2.72 33.31
N THR B 10 15.88 -3.26 32.57
CA THR B 10 17.29 -3.02 32.84
C THR B 10 18.07 -2.56 31.61
N GLY B 11 17.46 -2.77 30.45
CA GLY B 11 18.23 -2.74 29.21
C GLY B 11 18.90 -4.09 29.02
N ILE B 12 19.53 -4.23 27.87
CA ILE B 12 20.21 -5.51 27.61
C ILE B 12 21.37 -5.70 28.56
N PRO B 13 21.55 -6.89 29.11
CA PRO B 13 22.59 -7.11 30.12
C PRO B 13 23.99 -6.76 29.63
N LYS B 14 24.86 -6.31 30.53
CA LYS B 14 26.20 -5.95 30.17
C LYS B 14 27.08 -7.21 30.04
N ASP B 15 27.77 -7.26 28.91
CA ASP B 15 28.86 -8.19 28.65
C ASP B 15 30.15 -7.39 28.46
N PRO B 16 31.21 -7.65 29.22
CA PRO B 16 32.40 -6.80 29.14
C PRO B 16 33.04 -6.81 27.76
N LYS B 17 32.75 -7.82 26.94
CA LYS B 17 33.35 -7.85 25.61
C LYS B 17 32.44 -7.15 24.61
N HIS B 18 31.33 -6.61 25.10
CA HIS B 18 30.43 -5.81 24.29
C HIS B 18 30.13 -4.48 24.99
N PRO B 19 31.15 -3.61 25.06
CA PRO B 19 30.95 -2.33 25.73
C PRO B 19 30.02 -1.39 24.95
N LEU B 20 29.01 -0.89 25.64
CA LEU B 20 28.01 0.05 25.18
C LEU B 20 27.70 -0.03 23.69
N PRO B 21 27.06 -1.11 23.26
CA PRO B 21 26.72 -1.22 21.83
C PRO B 21 25.77 -0.13 21.36
N ILE B 22 25.86 0.22 20.07
CA ILE B 22 25.11 1.38 19.58
C ILE B 22 23.82 0.97 18.88
N ARG B 23 22.82 1.83 19.08
CA ARG B 23 21.60 1.82 18.29
C ARG B 23 21.88 2.52 16.96
N LYS B 24 21.77 1.81 15.86
CA LYS B 24 22.18 2.34 14.56
C LYS B 24 21.02 2.94 13.77
N ASP B 25 21.37 3.76 12.78
CA ASP B 25 20.35 4.23 11.84
C ASP B 25 19.79 3.03 11.09
N ILE B 26 18.47 2.86 11.12
CA ILE B 26 17.85 1.67 10.58
C ILE B 26 18.09 1.50 9.08
N ASP B 27 18.25 2.58 8.31
CA ASP B 27 18.56 2.39 6.89
C ASP B 27 20.00 1.91 6.73
N ASP B 28 20.95 2.52 7.45
CA ASP B 28 22.33 2.03 7.34
C ASP B 28 22.44 0.58 7.78
N TRP B 29 21.77 0.27 8.89
CA TRP B 29 21.77 -1.07 9.45
C TRP B 29 21.21 -2.08 8.46
N TYR B 30 20.08 -1.74 7.84
CA TYR B 30 19.45 -2.63 6.87
C TYR B 30 20.35 -2.83 5.65
N LEU B 31 20.93 -1.75 5.13
CA LEU B 31 21.82 -1.83 3.97
C LEU B 31 23.05 -2.65 4.32
N GLU B 32 23.57 -2.50 5.53
CA GLU B 32 24.71 -3.34 5.92
C GLU B 32 24.32 -4.82 5.97
N GLN B 33 23.20 -5.11 6.63
CA GLN B 33 22.76 -6.48 6.87
C GLN B 33 22.50 -7.25 5.58
N THR B 34 22.07 -6.53 4.55
CA THR B 34 21.77 -7.11 3.24
C THR B 34 22.91 -7.00 2.25
N SER B 35 24.10 -6.57 2.67
CA SER B 35 25.26 -6.54 1.80
C SER B 35 26.06 -7.84 1.88
N ALA B 36 26.89 -8.08 0.87
CA ALA B 36 27.61 -9.36 0.81
C ALA B 36 28.60 -9.52 1.95
N GLY B 37 29.04 -8.40 2.52
CA GLY B 37 30.04 -8.43 3.57
C GLY B 37 29.46 -8.60 4.96
N SER B 38 28.17 -8.87 5.06
CA SER B 38 27.50 -9.14 6.33
C SER B 38 27.00 -10.58 6.41
N ASN B 39 26.92 -11.09 7.64
CA ASN B 39 26.38 -12.43 7.86
C ASN B 39 24.85 -12.43 7.92
N ARG B 40 24.20 -11.27 7.89
CA ARG B 40 22.75 -11.14 7.92
C ARG B 40 22.08 -11.63 9.20
N ILE B 41 22.87 -11.89 10.24
CA ILE B 41 22.32 -12.53 11.44
C ILE B 41 21.47 -11.57 12.26
N GLN B 42 21.85 -10.29 12.37
CA GLN B 42 21.06 -9.37 13.18
C GLN B 42 19.70 -9.13 12.53
N LEU B 43 19.68 -8.97 11.20
CA LEU B 43 18.37 -8.81 10.57
C LEU B 43 17.48 -10.02 10.81
N THR B 44 18.05 -11.20 10.62
CA THR B 44 17.31 -12.43 10.87
C THR B 44 16.78 -12.49 12.30
N LEU B 45 17.65 -12.18 13.26
CA LEU B 45 17.22 -12.24 14.66
C LEU B 45 16.13 -11.23 14.95
N PHE B 46 16.23 -10.00 14.44
CA PHE B 46 15.19 -8.99 14.70
C PHE B 46 13.88 -9.45 14.09
N VAL B 47 13.90 -9.90 12.85
CA VAL B 47 12.66 -10.34 12.21
C VAL B 47 12.05 -11.52 12.95
N GLU B 48 12.88 -12.52 13.25
CA GLU B 48 12.33 -13.74 13.87
C GLU B 48 11.85 -13.47 15.27
N ALA B 49 12.56 -12.65 16.06
CA ALA B 49 12.14 -12.35 17.42
C ALA B 49 10.87 -11.50 17.42
N LEU B 50 10.81 -10.48 16.56
CA LEU B 50 9.63 -9.61 16.59
C LEU B 50 8.38 -10.38 16.11
N THR B 51 8.58 -11.29 15.18
CA THR B 51 7.47 -12.16 14.75
C THR B 51 6.96 -13.00 15.91
N VAL B 52 7.86 -13.63 16.68
CA VAL B 52 7.43 -14.37 17.86
C VAL B 52 6.66 -13.46 18.81
N ILE B 53 7.21 -12.29 19.10
CA ILE B 53 6.56 -11.38 20.06
C ILE B 53 5.18 -10.99 19.58
N GLN B 54 5.04 -10.72 18.28
CA GLN B 54 3.74 -10.35 17.72
C GLN B 54 2.74 -11.48 17.81
N ASN B 55 3.20 -12.73 17.76
CA ASN B 55 2.28 -13.88 17.77
C ASN B 55 1.99 -14.40 19.16
N ARG B 56 2.56 -13.80 20.21
CA ARG B 56 2.23 -14.19 21.59
C ARG B 56 0.77 -13.84 21.89
N PRO B 57 0.14 -14.57 22.79
CA PRO B 57 -1.27 -14.31 23.09
C PRO B 57 -1.50 -13.10 23.99
N LEU B 58 -2.77 -12.67 24.05
CA LEU B 58 -3.11 -11.47 24.80
C LEU B 58 -2.83 -11.59 26.28
N ASN B 59 -2.86 -12.82 26.82
CA ASN B 59 -2.64 -12.93 28.25
C ASN B 59 -1.14 -12.96 28.57
N ASP B 60 -0.30 -12.82 27.55
CA ASP B 60 1.15 -12.71 27.73
C ASP B 60 1.49 -11.23 27.69
N GLN B 61 1.88 -10.68 28.84
CA GLN B 61 2.10 -9.24 28.91
C GLN B 61 3.35 -8.82 28.13
N LEU B 62 4.14 -9.77 27.62
CA LEU B 62 5.26 -9.41 26.75
C LEU B 62 4.92 -9.72 25.29
N SER B 63 3.65 -9.91 24.96
CA SER B 63 3.21 -9.91 23.58
C SER B 63 3.31 -8.49 23.01
N TYR B 64 3.42 -8.40 21.69
CA TYR B 64 3.42 -7.09 21.03
C TYR B 64 2.20 -6.28 21.39
N PHE B 65 1.02 -6.90 21.29
CA PHE B 65 -0.22 -6.17 21.56
C PHE B 65 -0.19 -5.58 22.96
N ARG B 66 0.18 -6.38 23.96
CA ARG B 66 0.20 -5.87 25.32
C ARG B 66 1.29 -4.82 25.55
N LEU B 67 2.44 -4.93 24.85
CA LEU B 67 3.48 -3.91 25.01
C LEU B 67 3.01 -2.59 24.39
N ALA B 68 2.44 -2.65 23.19
CA ALA B 68 1.85 -1.47 22.58
C ALA B 68 0.69 -0.96 23.44
N GLY B 69 -0.02 -1.84 24.13
CA GLY B 69 -1.13 -1.44 24.98
C GLY B 69 -0.72 -0.63 26.20
N ILE B 70 0.56 -0.64 26.58
CA ILE B 70 1.01 0.19 27.68
C ILE B 70 0.77 1.66 27.38
N HIS B 71 0.96 2.02 26.10
CA HIS B 71 0.96 3.44 25.74
C HIS B 71 -0.45 4.04 25.87
N GLY B 72 -1.48 3.38 25.35
CA GLY B 72 -2.82 3.94 25.23
C GLY B 72 -3.90 2.89 25.32
N ALA B 73 -4.77 2.85 24.31
CA ALA B 73 -5.87 1.87 24.28
C ALA B 73 -5.27 0.48 24.15
N PRO B 74 -5.94 -0.54 24.69
CA PRO B 74 -7.23 -0.48 25.36
C PRO B 74 -7.21 -0.11 26.84
N TRP B 75 -6.17 0.53 27.35
CA TRP B 75 -6.14 1.09 28.70
C TRP B 75 -6.32 0.02 29.79
N THR B 76 -5.62 -1.10 29.62
CA THR B 76 -5.66 -2.15 30.65
C THR B 76 -4.46 -2.11 31.57
N GLU B 77 -4.49 -2.96 32.59
CA GLU B 77 -3.33 -3.17 33.45
C GLU B 77 -2.12 -3.65 32.68
N TRP B 78 -0.92 -3.39 33.23
CA TRP B 78 0.29 -4.03 32.74
C TRP B 78 1.23 -4.22 33.93
N ASP B 79 1.86 -5.39 34.03
CA ASP B 79 2.80 -5.74 35.09
C ASP B 79 2.22 -5.50 36.48
N GLY B 80 0.92 -5.74 36.64
CA GLY B 80 0.30 -5.62 37.96
C GLY B 80 -0.08 -4.18 38.33
N VAL B 81 0.17 -3.24 37.43
CA VAL B 81 -0.18 -1.84 37.65
C VAL B 81 -1.52 -1.58 36.96
N PRO B 82 -2.53 -1.12 37.68
CA PRO B 82 -3.86 -0.98 37.11
C PRO B 82 -3.94 0.04 35.97
N GLY B 83 -4.80 -0.28 35.00
CA GLY B 83 -5.19 0.63 33.94
C GLY B 83 -6.47 1.37 34.29
N GLY B 84 -7.26 1.69 33.27
CA GLY B 84 -8.52 2.38 33.45
C GLY B 84 -8.39 3.79 33.95
N GLN B 85 -7.26 4.44 33.66
CA GLN B 85 -7.03 5.82 34.09
C GLN B 85 -7.80 6.81 33.25
N LYS B 86 -8.01 7.99 33.83
CA LYS B 86 -8.76 9.00 33.07
C LYS B 86 -7.96 10.31 32.99
N ASP B 87 -8.14 11.03 31.90
CA ASP B 87 -7.60 12.34 31.62
C ASP B 87 -8.27 13.40 32.48
N SER B 88 -7.71 14.60 32.48
CA SER B 88 -8.37 15.72 33.17
C SER B 88 -9.71 16.02 32.48
N LYS B 89 -9.76 15.71 31.19
CA LYS B 89 -10.97 15.89 30.40
C LYS B 89 -12.05 14.88 30.77
N GLY B 90 -11.66 13.83 31.49
CA GLY B 90 -12.56 12.76 31.90
C GLY B 90 -12.51 11.60 30.93
N ASN B 91 -11.51 11.63 30.05
CA ASN B 91 -11.46 10.64 28.98
C ASN B 91 -10.45 9.55 29.31
N PRO B 92 -10.66 8.35 28.78
CA PRO B 92 -9.69 7.27 29.00
C PRO B 92 -8.30 7.70 28.55
N THR B 93 -7.31 7.35 29.35
CA THR B 93 -5.92 7.63 29.02
C THR B 93 -5.04 6.48 29.47
N GLY B 94 -3.87 6.35 28.82
CA GLY B 94 -2.94 5.29 29.15
C GLY B 94 -1.81 5.74 30.07
N PHE B 95 -0.77 4.91 30.13
CA PHE B 95 0.37 5.17 30.99
C PHE B 95 1.31 6.19 30.36
N ALA B 96 1.26 6.34 29.03
CA ALA B 96 2.22 7.22 28.38
C ALA B 96 2.07 8.65 28.93
N VAL B 97 3.22 9.33 29.03
CA VAL B 97 3.24 10.73 29.34
C VAL B 97 3.30 11.54 28.06
N HIS B 98 2.33 12.44 27.92
CA HIS B 98 2.35 13.50 26.92
C HIS B 98 1.98 14.83 27.56
N ASN B 99 2.48 15.90 26.95
CA ASN B 99 2.27 17.23 27.49
C ASN B 99 2.75 17.38 28.94
N ASN B 100 3.90 16.80 29.25
CA ASN B 100 4.58 17.06 30.51
C ASN B 100 6.08 16.84 30.27
N TYR B 101 6.87 17.39 31.19
CA TYR B 101 8.32 17.45 31.06
C TYR B 101 9.00 16.10 31.20
N THR B 102 8.24 15.11 31.68
CA THR B 102 8.67 13.72 31.72
C THR B 102 8.35 12.99 30.43
N PHE B 103 7.89 13.68 29.39
CA PHE B 103 7.66 13.02 28.11
C PHE B 103 8.90 12.29 27.62
N PRO B 104 10.06 12.91 27.55
CA PRO B 104 11.25 12.21 27.03
C PRO B 104 11.67 11.03 27.90
N THR B 105 11.56 11.16 29.23
CA THR B 105 12.10 10.11 30.09
C THR B 105 11.17 8.91 30.19
N TRP B 106 9.86 9.15 30.22
CA TRP B 106 8.90 8.04 30.17
C TRP B 106 9.15 7.21 28.92
N HIS B 107 9.25 7.91 27.78
CA HIS B 107 9.46 7.20 26.51
C HIS B 107 10.85 6.58 26.41
N ARG B 108 11.89 7.13 27.04
CA ARG B 108 13.20 6.48 27.12
C ARG B 108 13.07 5.11 27.75
N VAL B 109 12.31 5.01 28.84
CA VAL B 109 12.15 3.69 29.46
C VAL B 109 11.33 2.75 28.59
N TYR B 110 10.25 3.26 27.99
CA TYR B 110 9.38 2.47 27.12
C TYR B 110 10.16 1.84 25.97
N VAL B 111 10.99 2.63 25.31
CA VAL B 111 11.74 2.12 24.16
C VAL B 111 12.72 1.05 24.63
N THR B 112 13.30 1.25 25.82
CA THR B 112 14.21 0.25 26.38
C THR B 112 13.52 -1.07 26.69
N LEU B 113 12.30 -0.99 27.23
CA LEU B 113 11.52 -2.20 27.49
C LEU B 113 11.35 -2.98 26.19
N TYR B 114 10.95 -2.30 25.11
CA TYR B 114 10.76 -2.98 23.82
C TYR B 114 12.05 -3.64 23.35
N GLU B 115 13.15 -2.91 23.37
CA GLU B 115 14.47 -3.45 22.97
C GLU B 115 14.84 -4.67 23.80
N GLN B 116 14.58 -4.65 25.12
CA GLN B 116 14.95 -5.71 26.03
C GLN B 116 14.13 -6.97 25.76
N VAL B 117 12.82 -6.81 25.57
CA VAL B 117 11.96 -7.95 25.21
C VAL B 117 12.38 -8.58 23.90
N ILE B 118 12.70 -7.77 22.89
CA ILE B 118 13.21 -8.31 21.63
C ILE B 118 14.50 -9.10 21.84
N TYR B 119 15.44 -8.53 22.59
CA TYR B 119 16.69 -9.26 22.84
C TYR B 119 16.44 -10.62 23.48
N GLU B 120 15.55 -10.65 24.49
CA GLU B 120 15.27 -11.91 25.17
C GLU B 120 14.68 -12.92 24.21
N ALA B 121 13.81 -12.45 23.31
CA ALA B 121 13.26 -13.36 22.30
C ALA B 121 14.32 -13.84 21.32
N MET B 122 15.30 -12.99 21.00
CA MET B 122 16.41 -13.42 20.16
C MET B 122 17.14 -14.60 20.81
N LEU B 123 17.41 -14.49 22.12
CA LEU B 123 18.12 -15.57 22.81
C LEU B 123 17.28 -16.84 22.76
N ASP B 124 15.97 -16.74 22.92
CA ASP B 124 15.13 -17.92 22.81
C ASP B 124 15.22 -18.54 21.40
N PHE B 125 15.19 -17.69 20.38
CA PHE B 125 15.24 -18.16 19.00
C PHE B 125 16.52 -18.95 18.76
N ILE B 126 17.63 -18.38 19.25
CA ILE B 126 18.92 -19.05 19.10
C ILE B 126 18.96 -20.41 19.77
N LYS B 127 18.44 -20.50 20.99
CA LYS B 127 18.45 -21.77 21.72
C LYS B 127 17.71 -22.86 20.96
N GLN B 128 16.63 -22.48 20.27
CA GLN B 128 15.76 -23.45 19.66
C GLN B 128 16.02 -23.67 18.18
N ASN B 129 16.73 -22.80 17.48
CA ASN B 129 16.80 -22.91 16.02
C ASN B 129 18.22 -22.95 15.45
N VAL B 130 19.23 -22.57 16.21
CA VAL B 130 20.58 -22.47 15.65
C VAL B 130 21.40 -23.72 15.93
N PRO B 131 22.14 -24.26 14.96
CA PRO B 131 22.98 -25.42 15.24
C PRO B 131 23.90 -25.11 16.41
N GLN B 132 24.13 -26.13 17.25
CA GLN B 132 24.94 -25.91 18.44
C GLN B 132 26.25 -25.17 18.16
N ASN B 133 26.98 -25.52 17.11
CA ASN B 133 28.28 -24.90 16.88
C ASN B 133 28.19 -23.46 16.39
N GLY B 134 26.99 -23.04 16.02
CA GLY B 134 26.79 -21.64 15.63
C GLY B 134 26.18 -20.78 16.71
N LYS B 135 25.74 -21.36 17.84
CA LYS B 135 25.01 -20.54 18.82
C LYS B 135 25.88 -19.42 19.36
N ALA B 136 27.16 -19.69 19.61
CA ALA B 136 27.98 -18.65 20.19
C ALA B 136 28.06 -17.43 19.27
N ASP B 137 28.23 -17.70 17.97
CA ASP B 137 28.27 -16.62 16.99
C ASP B 137 26.96 -15.85 16.93
N TRP B 138 25.84 -16.58 17.00
CA TRP B 138 24.55 -15.90 16.90
C TRP B 138 24.29 -15.11 18.19
N GLU B 139 24.65 -15.68 19.34
CA GLU B 139 24.56 -14.97 20.60
C GLU B 139 25.37 -13.69 20.59
N ASN B 140 26.57 -13.71 20.05
CA ASN B 140 27.40 -12.51 19.97
C ASN B 140 26.78 -11.45 19.08
N GLU B 141 26.03 -11.86 18.06
CA GLU B 141 25.31 -10.87 17.26
C GLU B 141 24.14 -10.28 18.01
N ALA B 142 23.38 -11.11 18.73
CA ALA B 142 22.31 -10.62 19.59
C ALA B 142 22.87 -9.60 20.57
N LYS B 143 24.04 -9.88 21.15
CA LYS B 143 24.59 -8.97 22.14
C LYS B 143 25.06 -7.65 21.53
N GLN B 144 25.37 -7.64 20.23
CA GLN B 144 25.78 -6.40 19.58
C GLN B 144 24.57 -5.59 19.11
N TRP B 145 23.47 -6.29 18.92
CA TRP B 145 22.26 -5.64 18.38
C TRP B 145 21.69 -4.66 19.38
N ARG B 146 21.23 -3.51 18.87
CA ARG B 146 20.37 -2.62 19.65
C ARG B 146 19.24 -2.14 18.76
N LEU B 147 18.16 -1.65 19.35
CA LEU B 147 17.01 -1.19 18.54
C LEU B 147 17.43 -0.08 17.58
N PRO B 148 17.31 -0.26 16.27
CA PRO B 148 17.72 0.83 15.37
C PRO B 148 16.77 2.03 15.52
N TYR B 149 17.26 3.21 15.15
CA TYR B 149 16.38 4.38 15.10
C TYR B 149 16.07 4.78 13.67
N TRP B 150 14.87 5.36 13.49
CA TRP B 150 14.53 5.98 12.22
C TRP B 150 14.92 7.46 12.24
N ASP B 151 15.90 7.83 11.41
CA ASP B 151 16.32 9.24 11.34
C ASP B 151 15.41 10.02 10.41
N PHE B 152 14.31 10.50 10.96
CA PHE B 152 13.28 11.18 10.18
C PHE B 152 13.80 12.53 9.66
N ALA B 153 14.94 13.02 10.17
CA ALA B 153 15.44 14.31 9.71
C ALA B 153 16.65 14.20 8.79
N ARG B 154 17.11 13.00 8.45
CA ARG B 154 18.26 12.79 7.58
C ARG B 154 17.84 12.40 6.16
N PHE B 155 18.42 13.05 5.15
CA PHE B 155 18.09 12.70 3.77
C PHE B 155 18.51 11.27 3.48
N ALA B 156 17.59 10.51 2.87
CA ALA B 156 17.85 9.10 2.60
C ALA B 156 18.93 8.96 1.53
N ARG B 157 19.54 7.79 1.54
CA ARG B 157 20.62 7.51 0.60
C ARG B 157 19.98 7.27 -0.76
N HIS B 158 20.64 7.67 -1.85
CA HIS B 158 19.97 7.51 -3.14
C HIS B 158 20.97 7.12 -4.23
N GLY B 159 22.01 6.39 -3.83
CA GLY B 159 22.96 5.85 -4.80
C GLY B 159 24.11 6.81 -5.01
N HIS B 160 25.01 6.54 -5.96
CA HIS B 160 26.19 7.41 -6.02
C HIS B 160 26.44 8.02 -7.38
N ASP B 161 25.43 8.05 -8.25
CA ASP B 161 25.63 8.48 -9.62
C ASP B 161 24.56 9.49 -10.03
N ASN B 162 24.04 10.24 -9.07
CA ASN B 162 22.89 11.09 -9.36
C ASN B 162 22.72 12.21 -8.35
N ASP B 166 17.55 15.02 -2.09
CA ASP B 166 17.27 15.68 -0.81
C ASP B 166 15.86 15.33 -0.35
N GLU B 167 15.66 14.07 0.03
CA GLU B 167 14.34 13.61 0.40
C GLU B 167 14.41 12.85 1.73
N LEU B 168 13.56 13.22 2.68
CA LEU B 168 13.31 12.45 3.87
C LEU B 168 12.42 11.28 3.49
N ARG B 169 12.63 10.13 4.14
CA ARG B 169 11.87 8.93 3.78
C ARG B 169 11.60 8.06 5.01
N LEU B 170 10.46 7.35 4.99
CA LEU B 170 10.30 6.22 5.91
C LEU B 170 11.42 5.22 5.68
N PRO B 171 11.79 4.43 6.70
CA PRO B 171 12.84 3.42 6.52
C PRO B 171 12.55 2.47 5.36
N ILE B 172 13.64 2.12 4.67
CA ILE B 172 13.54 1.09 3.63
C ILE B 172 12.74 -0.10 4.13
N LEU B 173 13.17 -0.67 5.24
CA LEU B 173 12.60 -1.92 5.72
C LEU B 173 11.13 -1.75 6.12
N VAL B 174 10.73 -0.58 6.61
CA VAL B 174 9.34 -0.37 6.96
C VAL B 174 8.43 -0.40 5.74
N THR B 175 8.97 -0.14 4.56
CA THR B 175 8.14 -0.06 3.35
C THR B 175 8.13 -1.39 2.59
N MET B 176 8.70 -2.45 3.13
CA MET B 176 8.75 -3.76 2.46
C MET B 176 7.74 -4.74 3.05
N PRO B 177 6.76 -5.24 2.31
CA PRO B 177 5.81 -6.20 2.88
C PRO B 177 6.46 -7.51 3.31
N MET B 178 7.50 -7.92 2.61
CA MET B 178 8.21 -9.17 2.87
C MET B 178 9.69 -8.89 3.07
N VAL B 179 10.38 -9.78 3.78
CA VAL B 179 11.81 -9.59 4.07
C VAL B 179 12.49 -10.95 4.04
N LYS B 180 13.70 -11.02 3.50
CA LYS B 180 14.40 -12.32 3.43
C LYS B 180 15.37 -12.42 4.60
N VAL B 181 15.30 -13.59 5.25
CA VAL B 181 16.13 -13.90 6.40
C VAL B 181 16.90 -15.19 6.15
N LEU B 182 17.91 -15.42 6.96
CA LEU B 182 18.67 -16.67 6.91
C LEU B 182 17.86 -17.85 7.41
N VAL B 183 18.19 -19.01 6.88
CA VAL B 183 17.84 -20.29 7.50
C VAL B 183 19.07 -20.81 8.26
N PRO B 184 19.07 -20.76 9.59
CA PRO B 184 20.30 -21.03 10.34
C PRO B 184 20.96 -22.35 9.96
N GLY B 185 22.27 -22.32 9.69
CA GLY B 185 23.03 -23.51 9.33
C GLY B 185 23.05 -23.86 7.86
N GLN B 186 22.47 -23.02 7.00
CA GLN B 186 22.27 -23.29 5.58
C GLN B 186 22.66 -22.08 4.74
N PRO B 187 23.98 -21.94 4.62
CA PRO B 187 24.55 -20.85 3.83
C PRO B 187 23.90 -20.77 2.46
N GLY B 188 23.61 -19.55 2.00
CA GLY B 188 23.12 -19.35 0.65
C GLY B 188 21.62 -19.47 0.51
N LYS B 189 20.97 -19.99 1.55
CA LYS B 189 19.52 -20.14 1.50
C LYS B 189 18.86 -19.05 2.31
N GLN B 190 17.95 -18.32 1.65
CA GLN B 190 17.17 -17.36 2.44
C GLN B 190 15.69 -17.69 2.27
N LEU B 191 14.89 -17.28 3.25
CA LEU B 191 13.45 -17.46 3.18
C LEU B 191 12.77 -16.09 3.29
N SER B 192 11.82 -15.85 2.41
CA SER B 192 11.06 -14.61 2.42
C SER B 192 9.86 -14.78 3.36
N LYS B 193 9.73 -13.89 4.33
CA LYS B 193 8.69 -13.95 5.35
C LYS B 193 7.97 -12.62 5.46
N PRO B 194 6.74 -12.66 5.95
CA PRO B 194 6.06 -11.38 6.21
C PRO B 194 6.93 -10.55 7.14
N ASN B 195 7.04 -9.27 6.78
CA ASN B 195 7.89 -8.36 7.54
C ASN B 195 7.18 -7.79 8.77
N PRO B 196 7.64 -8.11 9.97
CA PRO B 196 6.94 -7.64 11.18
C PRO B 196 7.11 -6.16 11.43
N LEU B 197 7.97 -5.45 10.71
CA LEU B 197 8.08 -3.99 10.83
C LEU B 197 7.12 -3.26 9.88
N TYR B 198 6.50 -3.96 8.93
CA TYR B 198 5.68 -3.30 7.90
C TYR B 198 4.35 -2.83 8.47
N ARG B 199 3.80 -3.58 9.42
CA ARG B 199 2.50 -3.36 10.03
C ARG B 199 2.31 -4.36 11.14
N PHE B 200 1.30 -4.12 11.96
CA PHE B 200 0.87 -5.12 12.93
C PHE B 200 -0.63 -5.41 12.69
N GLN B 201 -0.98 -6.71 12.65
CA GLN B 201 -2.41 -7.02 12.60
C GLN B 201 -2.75 -8.13 13.59
N MET B 202 -4.03 -8.16 13.94
CA MET B 202 -4.58 -9.22 14.77
C MET B 202 -5.27 -10.23 13.84
N GLN B 203 -5.88 -11.29 14.36
CA GLN B 203 -6.51 -12.27 13.48
C GLN B 203 -7.97 -11.93 13.19
N THR B 204 -8.47 -10.89 13.86
CA THR B 204 -9.82 -10.38 13.69
C THR B 204 -9.82 -8.85 13.72
N LEU B 205 -10.96 -8.21 13.46
CA LEU B 205 -11.00 -6.77 13.62
C LEU B 205 -10.68 -6.41 15.07
N MET B 206 -9.87 -5.37 15.28
CA MET B 206 -9.41 -5.14 16.65
C MET B 206 -10.51 -4.72 17.59
N GLY B 207 -11.64 -4.23 17.10
CA GLY B 207 -12.79 -3.94 17.94
C GLY B 207 -13.50 -5.17 18.46
N THR B 208 -13.15 -6.38 18.02
CA THR B 208 -13.85 -7.59 18.43
C THR B 208 -12.98 -8.46 19.32
N LEU B 209 -11.80 -7.99 19.69
CA LEU B 209 -10.98 -8.78 20.62
C LEU B 209 -11.69 -9.08 21.93
N GLU B 210 -11.35 -10.20 22.57
CA GLU B 210 -11.94 -10.58 23.86
C GLU B 210 -11.80 -9.44 24.87
N ARG B 211 -12.78 -9.24 25.73
CA ARG B 211 -12.70 -8.27 26.82
C ARG B 211 -11.52 -8.60 27.71
N PRO B 212 -10.77 -7.65 28.25
CA PRO B 212 -10.96 -6.21 28.12
C PRO B 212 -10.11 -5.55 27.04
N TYR B 213 -9.72 -6.26 25.99
CA TYR B 213 -8.69 -5.78 25.07
C TYR B 213 -9.20 -5.12 23.80
N ALA B 214 -10.51 -5.03 23.59
CA ALA B 214 -10.99 -4.53 22.28
C ALA B 214 -10.53 -3.09 22.09
N ILE B 215 -10.12 -2.77 20.87
CA ILE B 215 -9.78 -1.40 20.49
C ILE B 215 -11.02 -0.66 20.02
N THR B 216 -11.31 0.47 20.63
CA THR B 216 -12.50 1.21 20.21
C THR B 216 -12.15 2.25 19.16
N SER B 217 -13.21 2.77 18.50
CA SER B 217 -13.01 3.98 17.72
C SER B 217 -12.44 5.07 18.61
N GLN B 218 -11.80 6.06 18.00
CA GLN B 218 -11.20 7.14 18.79
C GLN B 218 -11.64 8.49 18.23
N LYS B 219 -12.04 9.42 19.08
CA LYS B 219 -12.48 10.72 18.59
C LYS B 219 -11.31 11.53 18.04
N THR B 220 -11.65 12.27 16.98
CA THR B 220 -10.73 13.31 16.51
C THR B 220 -11.52 14.55 16.13
N GLU B 221 -10.91 15.73 16.14
CA GLU B 221 -11.59 16.92 15.59
C GLU B 221 -10.91 17.32 14.29
N GLU B 222 -11.69 17.51 13.25
CA GLU B 222 -11.22 18.04 11.97
C GLU B 222 -12.16 19.15 11.52
N HIS B 223 -11.60 20.29 11.16
CA HIS B 223 -12.33 21.48 10.75
C HIS B 223 -13.57 21.69 11.62
N GLY B 224 -13.33 21.64 12.92
CA GLY B 224 -14.26 22.02 13.96
C GLY B 224 -15.39 21.05 14.14
N TRP B 225 -15.23 19.83 13.66
CA TRP B 225 -16.19 18.75 13.70
C TRP B 225 -15.57 17.49 14.30
N SER B 226 -16.33 16.80 15.14
CA SER B 226 -15.91 15.54 15.73
C SER B 226 -16.19 14.35 14.80
N PHE B 227 -15.20 13.52 14.60
CA PHE B 227 -15.29 12.26 13.85
C PHE B 227 -14.83 11.11 14.74
N ASP B 228 -15.37 9.92 14.45
CA ASP B 228 -14.82 8.70 15.04
C ASP B 228 -13.84 8.02 14.08
N LEU B 229 -12.57 8.05 14.43
CA LEU B 229 -11.58 7.30 13.65
C LEU B 229 -11.84 5.82 13.89
N PRO B 230 -12.12 5.06 12.84
CA PRO B 230 -12.66 3.70 13.03
C PRO B 230 -11.64 2.61 13.29
N PHE B 231 -10.80 2.81 14.32
CA PHE B 231 -9.77 1.84 14.65
C PHE B 231 -10.34 0.49 15.11
N ASP B 232 -11.60 0.48 15.54
CA ASP B 232 -12.29 -0.75 15.90
C ASP B 232 -12.55 -1.62 14.66
N LYS B 233 -12.56 -1.01 13.48
CA LYS B 233 -12.91 -1.68 12.24
C LYS B 233 -11.64 -2.11 11.49
N CYS B 234 -10.46 -1.90 12.07
CA CYS B 234 -9.20 -2.30 11.46
C CYS B 234 -8.77 -3.66 11.97
N GLN B 235 -8.33 -4.54 11.08
CA GLN B 235 -7.58 -5.73 11.47
C GLN B 235 -6.09 -5.39 11.52
N SER B 236 -5.62 -4.61 10.54
CA SER B 236 -4.24 -4.18 10.49
C SER B 236 -4.07 -2.71 10.80
N THR B 237 -2.92 -2.34 11.37
CA THR B 237 -2.52 -0.94 11.38
C THR B 237 -2.42 -0.42 9.95
N THR B 238 -2.66 0.88 9.77
CA THR B 238 -2.54 1.50 8.44
C THR B 238 -1.87 2.87 8.58
N LYS B 239 -1.21 3.27 7.50
CA LYS B 239 -0.72 4.63 7.29
C LYS B 239 -1.60 5.23 6.18
N TYR B 240 -2.42 6.22 6.49
CA TYR B 240 -3.27 6.97 5.59
C TYR B 240 -4.47 6.20 5.05
N GLY B 241 -4.69 4.94 5.38
CA GLY B 241 -5.72 4.19 4.67
C GLY B 241 -7.15 4.33 5.12
N LEU B 242 -7.43 5.12 6.15
CA LEU B 242 -8.79 5.32 6.65
C LEU B 242 -9.36 6.65 6.14
N LEU B 243 -10.34 6.56 5.26
CA LEU B 243 -10.96 7.74 4.65
C LEU B 243 -12.45 7.68 4.89
N GLU B 244 -13.07 8.83 5.20
CA GLU B 244 -14.53 8.83 5.36
C GLU B 244 -15.24 8.49 4.05
N ASN B 245 -16.38 7.83 4.15
CA ASN B 245 -17.25 7.42 3.06
C ASN B 245 -16.61 6.36 2.16
N TYR B 246 -15.68 5.60 2.72
CA TYR B 246 -15.19 4.36 2.13
C TYR B 246 -15.75 3.15 2.87
N ASN B 247 -16.04 2.11 2.09
CA ASN B 247 -16.57 0.85 2.61
C ASN B 247 -15.68 0.33 3.73
N ALA B 248 -16.29 -0.10 4.83
CA ALA B 248 -15.51 -0.51 6.00
C ALA B 248 -14.65 -1.72 5.71
N ASP B 249 -14.89 -2.44 4.61
CA ASP B 249 -14.00 -3.55 4.28
C ASP B 249 -12.64 -3.06 3.80
N VAL B 250 -12.59 -1.80 3.33
CA VAL B 250 -11.28 -1.22 3.05
C VAL B 250 -10.53 -0.91 4.34
N TRP B 251 -11.25 -0.43 5.34
CA TRP B 251 -10.70 -0.07 6.66
C TRP B 251 -10.08 -1.26 7.37
N ALA B 252 -10.54 -2.45 7.04
CA ALA B 252 -9.96 -3.63 7.70
C ALA B 252 -8.45 -3.66 7.55
N ASP B 253 -8.01 -3.31 6.35
CA ASP B 253 -6.58 -3.15 6.12
C ASP B 253 -6.38 -2.08 5.05
N GLY B 254 -6.19 -0.84 5.46
CA GLY B 254 -6.14 0.27 4.52
C GLY B 254 -4.78 0.50 3.90
N GLY B 255 -3.81 -0.35 4.21
CA GLY B 255 -2.54 -0.33 3.50
C GLY B 255 -1.48 0.49 4.19
N GLN B 256 -0.24 0.30 3.75
CA GLN B 256 0.91 1.07 4.21
C GLN B 256 1.24 2.08 3.12
N ASN B 257 0.57 3.22 3.14
CA ASN B 257 0.64 4.16 2.01
C ASN B 257 1.84 5.07 2.19
N TRP B 258 3.00 4.44 2.06
CA TRP B 258 4.27 5.08 2.41
C TRP B 258 4.63 6.24 1.50
N LEU B 259 4.13 6.27 0.26
CA LEU B 259 4.43 7.43 -0.58
C LEU B 259 3.79 8.69 -0.03
N ARG B 260 2.61 8.56 0.57
CA ARG B 260 1.92 9.73 1.11
C ARG B 260 2.61 10.18 2.39
N ALA B 261 3.09 9.24 3.17
CA ALA B 261 3.86 9.58 4.37
C ALA B 261 5.12 10.34 3.97
N ASN B 262 5.82 9.83 2.94
CA ASN B 262 7.03 10.54 2.51
C ASN B 262 6.67 11.93 2.01
N LEU B 263 5.57 12.04 1.26
CA LEU B 263 5.19 13.37 0.78
C LEU B 263 4.97 14.31 1.96
N ALA B 264 4.29 13.83 3.01
CA ALA B 264 4.04 14.70 4.17
C ALA B 264 5.32 15.10 4.87
N LEU B 265 6.26 14.16 5.01
CA LEU B 265 7.52 14.50 5.67
C LEU B 265 8.23 15.62 4.93
N ASN B 266 8.17 15.61 3.58
CA ASN B 266 8.92 16.61 2.81
C ASN B 266 8.15 17.89 2.55
N GLU B 267 6.82 17.85 2.63
CA GLU B 267 6.02 19.07 2.56
C GLU B 267 5.83 19.74 3.91
N HIS B 268 6.04 19.01 5.00
CA HIS B 268 6.06 19.49 6.37
C HIS B 268 4.92 20.46 6.68
N PRO B 269 3.70 19.96 6.56
CA PRO B 269 2.53 20.77 6.97
C PRO B 269 2.40 20.84 8.49
N TRP B 270 3.21 21.70 9.11
CA TRP B 270 3.15 21.94 10.55
C TRP B 270 1.74 22.24 11.03
N TYR B 271 1.35 21.73 12.20
CA TYR B 271 0.00 22.04 12.68
C TYR B 271 -0.01 23.41 13.36
N GLN B 272 1.15 23.89 13.78
CA GLN B 272 1.25 25.18 14.45
C GLN B 272 1.05 26.35 13.51
N ASN B 273 0.52 27.43 14.09
CA ASN B 273 0.50 28.75 13.48
C ASN B 273 1.92 29.32 13.47
N LEU B 274 2.45 29.54 12.28
CA LEU B 274 3.80 30.07 12.11
C LEU B 274 3.76 31.54 11.71
N ASP B 275 2.69 32.21 12.07
CA ASP B 275 2.59 33.66 11.89
C ASP B 275 3.79 34.36 12.51
N GLY B 276 4.37 35.29 11.77
CA GLY B 276 5.51 36.06 12.21
C GLY B 276 6.82 35.31 12.24
N TRP B 277 6.87 34.04 11.85
CA TRP B 277 8.15 33.35 11.72
C TRP B 277 8.98 33.93 10.59
N ASP B 278 10.31 33.85 10.70
CA ASP B 278 11.19 34.38 9.67
C ASP B 278 11.11 33.55 8.40
N SER B 279 10.81 32.27 8.59
CA SER B 279 10.69 31.33 7.49
C SER B 279 9.91 30.10 7.95
N VAL B 280 9.44 29.31 7.01
CA VAL B 280 8.82 28.03 7.37
C VAL B 280 9.88 26.93 7.24
N PRO B 281 10.43 26.43 8.33
CA PRO B 281 11.51 25.44 8.23
C PRO B 281 11.00 24.09 7.75
N THR B 282 11.87 23.40 7.02
CA THR B 282 11.62 22.00 6.73
C THR B 282 11.75 21.17 8.01
N LEU B 283 11.41 19.89 7.96
CA LEU B 283 11.59 19.01 9.11
C LEU B 283 13.07 18.86 9.47
N GLN B 284 13.95 18.76 8.48
CA GLN B 284 15.37 18.70 8.81
C GLN B 284 15.85 19.99 9.48
N ASP B 285 15.45 21.14 8.95
CA ASP B 285 15.90 22.40 9.59
C ASP B 285 15.29 22.56 10.97
N MET B 286 14.03 22.19 11.18
CA MET B 286 13.47 22.30 12.52
C MET B 286 14.27 21.45 13.51
N THR B 287 14.66 20.25 13.06
CA THR B 287 15.43 19.32 13.89
C THR B 287 16.81 19.92 14.17
N PHE B 288 17.44 20.48 13.16
CA PHE B 288 18.71 21.19 13.34
C PHE B 288 18.58 22.27 14.41
N ARG B 289 17.51 23.07 14.33
CA ARG B 289 17.31 24.16 15.29
C ARG B 289 17.07 23.62 16.70
N LEU B 290 16.33 22.54 16.83
CA LEU B 290 16.16 21.92 18.15
C LEU B 290 17.50 21.62 18.80
N LEU B 291 18.44 21.10 18.03
CA LEU B 291 19.71 20.61 18.57
C LEU B 291 20.73 21.71 18.79
N THR B 292 20.55 22.83 18.11
CA THR B 292 21.56 23.87 18.13
C THR B 292 21.14 25.19 18.76
N THR B 293 19.89 25.44 19.05
CA THR B 293 19.50 26.71 19.68
C THR B 293 19.96 26.68 21.13
N GLY B 294 20.75 27.65 21.52
CA GLY B 294 21.35 27.74 22.84
C GLY B 294 20.46 28.43 23.83
N GLY B 295 20.76 28.31 25.11
CA GLY B 295 20.02 29.09 26.10
C GLY B 295 18.70 28.52 26.55
N LEU B 296 18.35 27.30 26.17
CA LEU B 296 17.07 26.71 26.53
C LEU B 296 17.18 25.87 27.79
N ASN B 297 16.11 25.86 28.58
CA ASN B 297 16.10 24.97 29.75
C ASN B 297 15.39 23.66 29.41
N TRP B 298 15.44 22.70 30.33
CA TRP B 298 14.88 21.37 30.13
C TRP B 298 13.38 21.45 29.85
N GLY B 299 12.66 22.28 30.59
CA GLY B 299 11.23 22.43 30.35
C GLY B 299 10.91 22.92 28.96
N GLU B 300 11.64 23.91 28.45
CA GLU B 300 11.40 24.44 27.12
C GLU B 300 11.70 23.41 26.05
N PHE B 301 12.78 22.65 26.20
CA PHE B 301 13.17 21.64 25.20
C PHE B 301 12.21 20.46 25.19
N SER B 302 11.80 20.00 26.38
CA SER B 302 11.17 18.69 26.51
C SER B 302 9.71 18.58 26.10
N SER B 303 8.90 19.60 26.21
CA SER B 303 7.45 19.39 26.19
C SER B 303 6.65 20.59 25.68
N THR B 304 5.51 20.27 25.11
CA THR B 304 4.54 21.32 24.80
C THR B 304 3.99 21.99 26.05
N ARG B 305 4.19 21.37 27.22
CA ARG B 305 3.64 21.95 28.45
C ARG B 305 4.20 23.34 28.73
N TYR B 306 5.42 23.62 28.31
CA TYR B 306 6.03 24.88 28.77
C TYR B 306 5.16 26.07 28.35
N ASP B 307 4.51 25.94 27.20
CA ASP B 307 3.69 26.99 26.63
C ASP B 307 2.20 26.76 26.89
N GLN B 320 2.25 33.77 21.24
CA GLN B 320 2.76 33.68 22.61
C GLN B 320 3.93 32.71 22.71
N ALA B 321 3.99 31.73 21.82
CA ALA B 321 5.09 30.75 21.92
C ALA B 321 6.35 31.27 21.24
N PRO B 322 7.47 30.59 21.47
CA PRO B 322 8.68 30.99 20.76
C PRO B 322 8.47 30.86 19.24
N LYS B 323 9.21 31.66 18.47
CA LYS B 323 9.17 31.54 17.01
C LYS B 323 10.51 31.00 16.50
N ASN B 324 10.52 30.38 15.33
CA ASN B 324 11.73 30.00 14.61
C ASN B 324 12.46 28.83 15.25
N TRP B 325 11.78 28.13 16.14
CA TRP B 325 12.23 27.00 16.91
CA TRP B 325 12.19 26.83 16.62
C TRP B 325 11.02 26.20 17.37
N MET B 326 11.10 24.90 17.52
CA MET B 326 10.04 24.08 18.11
C MET B 326 10.62 23.07 19.09
N ASN B 327 9.90 22.80 20.16
CA ASN B 327 10.37 21.83 21.16
C ASN B 327 10.27 20.40 20.63
N LEU B 328 10.93 19.48 21.34
CA LEU B 328 11.02 18.08 20.97
C LEU B 328 9.65 17.44 20.76
N GLU B 329 8.76 17.69 21.72
CA GLU B 329 7.46 17.02 21.71
C GLU B 329 6.60 17.51 20.55
N ALA B 330 6.71 18.80 20.27
CA ALA B 330 5.99 19.38 19.14
C ALA B 330 6.48 18.84 17.80
N ILE B 331 7.79 18.71 17.62
CA ILE B 331 8.28 18.06 16.40
C ILE B 331 7.77 16.62 16.33
N HIS B 332 7.87 15.90 17.42
CA HIS B 332 7.41 14.50 17.48
C HIS B 332 5.93 14.40 17.12
N ASN B 333 5.13 15.36 17.58
CA ASN B 333 3.71 15.33 17.29
C ASN B 333 3.45 15.42 15.79
N ASN B 334 4.15 16.38 15.16
CA ASN B 334 4.02 16.54 13.71
C ASN B 334 4.48 15.29 12.97
N VAL B 335 5.63 14.72 13.36
CA VAL B 335 6.05 13.52 12.63
C VAL B 335 5.03 12.41 12.78
N HIS B 336 4.42 12.24 13.95
CA HIS B 336 3.36 11.25 14.13
C HIS B 336 2.23 11.46 13.13
N ASN B 337 1.76 12.71 13.04
CA ASN B 337 0.66 13.00 12.12
C ASN B 337 1.07 12.71 10.69
N TRP B 338 2.32 13.05 10.34
CA TRP B 338 2.71 12.93 8.93
C TRP B 338 2.94 11.49 8.52
N VAL B 339 3.37 10.65 9.47
CA VAL B 339 3.52 9.24 9.19
C VAL B 339 2.17 8.53 9.12
N GLY B 340 1.28 8.78 10.08
CA GLY B 340 0.04 8.01 10.12
C GLY B 340 -1.06 8.52 9.22
N GLY B 341 -1.05 9.79 8.91
CA GLY B 341 -2.19 10.41 8.21
C GLY B 341 -3.14 11.02 9.22
N PHE B 342 -3.47 12.28 9.01
CA PHE B 342 -4.16 13.10 10.00
C PHE B 342 -5.47 13.68 9.48
N MET B 343 -5.94 13.24 8.31
CA MET B 343 -7.17 13.75 7.72
C MET B 343 -8.06 12.57 7.30
N PHE B 344 -9.05 12.27 8.14
CA PHE B 344 -10.02 11.22 7.85
C PHE B 344 -11.07 11.76 6.89
N SER B 345 -11.67 12.91 7.22
CA SER B 345 -12.65 13.50 6.31
C SER B 345 -12.00 14.16 5.11
N ARG B 346 -12.73 14.20 3.99
CA ARG B 346 -12.17 14.71 2.74
C ARG B 346 -11.88 16.20 2.87
N PRO B 347 -10.64 16.61 2.68
CA PRO B 347 -10.32 18.05 2.77
C PRO B 347 -10.57 18.78 1.45
N GLY B 348 -10.15 20.03 1.39
CA GLY B 348 -10.25 20.84 0.19
C GLY B 348 -9.29 20.38 -0.88
N ARG B 349 -9.47 20.91 -2.09
CA ARG B 349 -8.77 20.48 -3.29
C ARG B 349 -7.27 20.40 -3.10
N HIS B 350 -6.71 21.41 -2.41
CA HIS B 350 -5.25 21.49 -2.38
C HIS B 350 -4.65 20.49 -1.41
N ASP B 351 -5.48 19.94 -0.52
CA ASP B 351 -4.97 18.99 0.47
C ASP B 351 -5.33 17.56 0.11
N LEU B 352 -6.00 17.35 -1.05
CA LEU B 352 -6.33 15.97 -1.41
C LEU B 352 -5.10 15.09 -1.50
N LYS B 353 -3.95 15.68 -1.83
CA LYS B 353 -2.73 14.93 -2.03
C LYS B 353 -2.25 14.28 -0.73
N LEU B 354 -2.79 14.69 0.42
CA LEU B 354 -2.42 14.16 1.71
C LEU B 354 -3.60 13.56 2.47
N TRP B 355 -4.72 13.33 1.80
CA TRP B 355 -5.91 12.78 2.46
C TRP B 355 -5.67 11.37 2.99
N GLY B 356 -6.11 11.15 4.23
CA GLY B 356 -6.19 9.81 4.78
C GLY B 356 -5.68 9.75 6.21
N ALA B 357 -6.24 8.86 7.03
CA ALA B 357 -5.89 8.77 8.44
C ALA B 357 -5.37 7.38 8.78
N GLY B 358 -4.61 7.31 9.88
CA GLY B 358 -4.03 6.03 10.27
C GLY B 358 -3.48 6.08 11.67
N HIS B 359 -3.04 4.91 12.16
CA HIS B 359 -2.76 4.74 13.57
C HIS B 359 -1.77 5.73 14.16
N MET B 360 -0.67 6.01 13.46
CA MET B 360 0.40 6.82 14.06
C MET B 360 -0.04 8.23 14.42
N SER B 361 -1.15 8.72 13.84
CA SER B 361 -1.61 10.06 14.17
C SER B 361 -2.46 10.13 15.43
N SER B 362 -2.75 9.00 16.07
CA SER B 362 -3.73 8.98 17.16
C SER B 362 -3.08 8.39 18.42
N VAL B 363 -2.92 9.19 19.46
CA VAL B 363 -2.20 8.75 20.67
C VAL B 363 -2.70 7.39 21.17
N PRO B 364 -3.98 7.16 21.28
CA PRO B 364 -4.47 5.89 21.82
C PRO B 364 -4.03 4.65 21.06
N VAL B 365 -3.68 4.74 19.77
CA VAL B 365 -3.33 3.53 19.02
C VAL B 365 -2.01 3.62 18.25
N ALA B 366 -1.27 4.72 18.34
CA ALA B 366 -0.04 4.82 17.55
C ALA B 366 0.96 3.72 17.84
N ALA B 367 1.06 3.21 19.06
CA ALA B 367 2.13 2.27 19.40
C ALA B 367 1.90 0.93 18.72
N TYR B 368 0.72 0.68 18.14
CA TYR B 368 0.52 -0.59 17.41
C TYR B 368 1.30 -0.59 16.11
N ASP B 369 1.60 0.57 15.52
CA ASP B 369 2.32 0.56 14.24
C ASP B 369 3.80 0.34 14.55
N PRO B 370 4.44 -0.70 14.04
CA PRO B 370 5.84 -0.93 14.42
C PRO B 370 6.77 0.24 14.19
N ILE B 371 6.45 1.19 13.31
CA ILE B 371 7.34 2.35 13.15
C ILE B 371 7.34 3.22 14.39
N PHE B 372 6.30 3.16 15.20
CA PHE B 372 6.26 3.91 16.46
C PHE B 372 7.59 3.82 17.20
N TRP B 373 8.08 2.59 17.38
CA TRP B 373 9.23 2.35 18.26
C TRP B 373 10.49 2.93 17.63
N LEU B 374 10.57 2.91 16.30
CA LEU B 374 11.75 3.43 15.60
C LEU B 374 11.77 4.97 15.63
N HIS B 375 10.61 5.57 15.53
CA HIS B 375 10.45 7.01 15.69
C HIS B 375 10.82 7.39 17.11
N HIS B 376 10.27 6.67 18.10
CA HIS B 376 10.62 7.02 19.47
C HIS B 376 12.08 6.73 19.79
N CYS B 377 12.70 5.79 19.08
CA CYS B 377 14.14 5.58 19.26
C CYS B 377 14.89 6.82 18.83
N ASN B 378 14.47 7.47 17.73
CA ASN B 378 15.17 8.71 17.35
C ASN B 378 14.80 9.85 18.29
N ILE B 379 13.60 9.87 18.84
CA ILE B 379 13.30 10.92 19.83
C ILE B 379 14.21 10.78 21.04
N ASP B 380 14.50 9.54 21.43
CA ASP B 380 15.45 9.27 22.50
C ASP B 380 16.86 9.73 22.15
N ARG B 381 17.28 9.45 20.93
CA ARG B 381 18.55 9.95 20.39
C ARG B 381 18.63 11.47 20.38
N LEU B 382 17.61 12.18 19.91
CA LEU B 382 17.60 13.64 19.93
C LEU B 382 17.70 14.15 21.36
N THR B 383 17.06 13.45 22.29
CA THR B 383 17.17 13.84 23.70
C THR B 383 18.60 13.68 24.18
N ALA B 384 19.21 12.52 23.89
CA ALA B 384 20.60 12.28 24.28
C ALA B 384 21.54 13.33 23.70
N ILE B 385 21.35 13.68 22.42
CA ILE B 385 22.18 14.70 21.79
C ILE B 385 22.01 16.03 22.51
N TRP B 386 20.75 16.39 22.79
CA TRP B 386 20.48 17.69 23.41
C TRP B 386 21.09 17.72 24.81
N GLN B 387 20.97 16.63 25.57
CA GLN B 387 21.59 16.55 26.88
C GLN B 387 23.10 16.78 26.81
N THR B 388 23.72 16.17 25.79
CA THR B 388 25.16 16.22 25.60
C THR B 388 25.65 17.65 25.42
N VAL B 389 24.89 18.47 24.67
CA VAL B 389 25.33 19.84 24.43
C VAL B 389 24.63 20.82 25.36
N ASN B 390 23.80 20.34 26.28
CA ASN B 390 23.16 21.15 27.31
C ASN B 390 23.22 20.44 28.66
N SER B 391 24.43 20.09 29.10
CA SER B 391 24.54 19.14 30.21
C SER B 391 24.07 19.67 31.56
N GLY B 392 23.93 20.99 31.72
CA GLY B 392 23.47 21.55 33.00
C GLY B 392 21.97 21.74 33.05
N SER B 393 21.21 21.21 32.09
CA SER B 393 19.78 21.47 32.01
C SER B 393 18.94 20.20 32.15
N TRP B 394 18.47 19.91 33.36
CA TRP B 394 17.75 18.67 33.63
C TRP B 394 16.77 18.88 34.77
N PHE B 395 15.49 19.05 34.44
CA PHE B 395 14.43 19.22 35.41
C PHE B 395 14.78 20.20 36.52
N ASN B 396 15.37 21.32 36.12
CA ASN B 396 15.85 22.25 37.14
C ASN B 396 15.58 23.69 36.79
N ASP B 397 14.53 23.90 36.00
CA ASP B 397 13.90 25.22 35.91
C ASP B 397 12.61 25.19 36.74
N ASP B 398 12.07 26.36 37.00
CA ASP B 398 10.90 26.48 37.87
C ASP B 398 9.73 25.64 37.38
N LYS B 399 9.58 25.48 36.06
CA LYS B 399 8.41 24.74 35.60
C LYS B 399 8.61 23.22 35.63
N SER B 400 9.75 22.74 35.14
CA SER B 400 9.89 21.28 35.00
C SER B 400 10.28 20.63 36.31
N LYS B 401 10.77 21.38 37.30
CA LYS B 401 11.31 20.72 38.50
C LYS B 401 10.25 19.97 39.27
N VAL B 402 8.99 20.40 39.17
CA VAL B 402 7.95 19.74 39.95
C VAL B 402 7.67 18.32 39.52
N SER B 403 7.86 18.01 38.24
CA SER B 403 7.62 16.69 37.68
C SER B 403 8.79 15.72 37.84
N LYS B 404 9.93 16.22 38.32
CA LYS B 404 11.14 15.42 38.30
C LYS B 404 10.99 14.05 38.95
N ASP B 405 10.32 13.97 40.11
CA ASP B 405 10.29 12.68 40.81
C ASP B 405 8.98 11.93 40.61
N ASP B 406 8.27 12.20 39.51
CA ASP B 406 7.10 11.41 39.15
C ASP B 406 7.50 9.96 38.92
N ASP B 407 6.76 9.03 39.52
CA ASP B 407 6.90 7.63 39.10
C ASP B 407 6.55 7.47 37.63
N LEU B 408 7.44 6.85 36.87
CA LEU B 408 7.18 6.49 35.48
C LEU B 408 6.48 5.15 35.39
N ARG B 409 5.24 5.11 35.87
CA ARG B 409 4.44 3.90 35.81
C ARG B 409 4.22 3.52 34.35
N PRO B 410 4.18 2.24 34.00
CA PRO B 410 4.17 1.11 34.94
C PRO B 410 5.52 0.41 35.12
N PHE B 411 6.61 1.11 34.84
CA PHE B 411 7.91 0.47 34.64
C PHE B 411 8.65 0.23 35.95
N HIS B 412 8.97 -1.02 36.23
CA HIS B 412 9.61 -1.40 37.50
C HIS B 412 11.12 -1.57 37.34
N ARG B 413 11.85 -1.23 38.39
CA ARG B 413 13.29 -1.47 38.44
C ARG B 413 13.68 -1.90 39.85
N PHE B 414 14.85 -2.51 40.02
CA PHE B 414 15.31 -2.87 41.35
C PHE B 414 16.23 -1.79 41.92
N CYS B 415 15.96 -1.40 43.16
CA CYS B 415 16.70 -0.47 43.99
C CYS B 415 17.30 -1.20 45.20
N THR B 418 18.30 -0.29 49.01
CA THR B 418 16.89 -0.59 49.17
C THR B 418 16.60 -2.10 49.19
N ARG B 419 16.99 -2.81 48.13
CA ARG B 419 16.60 -4.20 47.93
C ARG B 419 15.12 -4.35 47.64
N LYS B 420 14.50 -3.28 47.13
CA LYS B 420 13.11 -3.24 46.79
C LYS B 420 12.93 -2.92 45.30
N VAL B 421 11.85 -3.52 44.77
CA VAL B 421 11.37 -3.10 43.46
C VAL B 421 10.56 -1.81 43.57
N VAL B 422 10.85 -0.84 42.70
CA VAL B 422 10.21 0.47 42.72
C VAL B 422 9.89 0.89 41.28
N PHE B 423 9.18 2.00 41.13
CA PHE B 423 8.95 2.54 39.78
C PHE B 423 10.19 3.29 39.31
N PHE B 424 10.48 3.23 38.01
CA PHE B 424 11.45 4.14 37.42
C PHE B 424 11.13 5.60 37.74
N ARG B 425 12.19 6.39 37.88
CA ARG B 425 12.05 7.83 37.94
C ARG B 425 12.98 8.46 36.90
N SER B 426 12.70 9.69 36.51
CA SER B 426 13.51 10.33 35.48
C SER B 426 14.99 10.33 35.79
N ASP B 427 15.38 10.56 37.06
CA ASP B 427 16.82 10.62 37.31
C ASP B 427 17.52 9.29 37.03
N ASP B 428 16.80 8.17 37.11
CA ASP B 428 17.39 6.87 36.84
C ASP B 428 17.83 6.73 35.39
N VAL B 429 17.31 7.56 34.49
CA VAL B 429 17.64 7.35 33.08
C VAL B 429 18.28 8.58 32.43
N LYS B 430 18.66 9.54 33.28
CA LYS B 430 19.40 10.70 32.81
C LYS B 430 20.61 10.25 32.00
N ASP B 431 21.35 9.30 32.55
CA ASP B 431 22.43 8.68 31.77
C ASP B 431 21.89 7.47 31.05
N TRP B 432 21.60 7.62 29.76
CA TRP B 432 21.00 6.52 29.00
C TRP B 432 21.95 5.34 28.97
N ARG B 433 23.24 5.59 29.16
CA ARG B 433 24.25 4.52 29.10
C ARG B 433 24.07 3.54 30.26
N SER B 434 23.34 3.92 31.29
CA SER B 434 23.06 3.00 32.39
C SER B 434 22.12 1.90 31.93
N LEU B 435 21.41 2.10 30.82
CA LEU B 435 20.58 1.07 30.21
C LEU B 435 21.33 0.25 29.17
N ASN B 436 22.65 0.41 29.09
CA ASN B 436 23.54 -0.36 28.24
C ASN B 436 23.26 -0.24 26.74
N TYR B 437 23.05 0.99 26.31
CA TYR B 437 23.09 1.33 24.90
C TYR B 437 23.72 2.71 24.74
N ASP B 438 24.12 3.00 23.50
CA ASP B 438 24.53 4.37 23.19
C ASP B 438 24.19 4.67 21.73
N TYR B 439 24.47 5.87 21.28
CA TYR B 439 24.34 6.27 19.88
C TYR B 439 25.73 6.65 19.38
N ALA B 440 26.00 6.41 18.10
CA ALA B 440 27.30 6.81 17.55
C ALA B 440 27.55 8.29 17.78
N ILE B 441 26.51 9.11 17.59
CA ILE B 441 26.70 10.56 17.61
C ILE B 441 27.05 11.05 19.00
N THR B 442 26.55 10.40 20.03
CA THR B 442 26.82 10.80 21.41
C THR B 442 28.06 10.13 21.98
N LYS B 443 28.43 8.97 21.44
CA LYS B 443 29.69 8.32 21.83
C LYS B 443 30.88 9.20 21.45
N ASP B 444 30.80 9.81 20.27
CA ASP B 444 31.90 10.67 19.81
C ASP B 444 31.60 12.13 20.10
N ALA B 445 31.61 12.50 21.38
CA ALA B 445 31.08 13.80 21.79
C ALA B 445 31.92 14.94 21.25
N SER B 446 33.22 14.69 21.07
CA SER B 446 34.08 15.73 20.51
C SER B 446 33.60 16.18 19.13
N ARG B 447 33.05 15.28 18.33
CA ARG B 447 32.61 15.64 16.98
C ARG B 447 31.16 16.07 16.95
N ILE B 448 30.45 16.17 18.07
CA ILE B 448 29.00 16.21 17.98
C ILE B 448 28.49 17.43 17.26
N ARG B 449 29.07 18.61 17.46
CA ARG B 449 28.48 19.77 16.78
C ARG B 449 28.71 19.70 15.28
N LYS B 450 29.85 19.15 14.86
CA LYS B 450 30.12 18.97 13.44
C LYS B 450 29.16 17.97 12.84
N GLU B 451 28.92 16.86 13.56
CA GLU B 451 28.02 15.85 13.03
C GLU B 451 26.60 16.40 12.89
N ILE B 452 26.13 17.17 13.87
CA ILE B 452 24.82 17.79 13.78
C ILE B 452 24.74 18.65 12.52
N SER B 453 25.80 19.42 12.25
CA SER B 453 25.78 20.24 11.04
C SER B 453 25.83 19.40 9.79
N ASP B 454 26.66 18.35 9.78
CA ASP B 454 26.75 17.53 8.58
C ASP B 454 25.43 16.84 8.25
N LEU B 455 24.73 16.38 9.29
CA LEU B 455 23.51 15.62 9.06
C LEU B 455 22.31 16.53 8.77
N TYR B 456 22.20 17.64 9.52
CA TYR B 456 20.96 18.38 9.55
C TYR B 456 21.12 19.85 9.15
N GLY B 457 22.36 20.32 9.01
CA GLY B 457 22.60 21.72 8.63
C GLY B 457 22.23 21.98 7.19
N GLN B 458 21.76 23.19 6.87
CA GLN B 458 21.27 23.50 5.53
C GLN B 458 22.36 24.02 4.60
#